data_3VKM
#
_entry.id   3VKM
#
_cell.length_a   74.133
_cell.length_b   80.713
_cell.length_c   129.296
_cell.angle_alpha   90.00
_cell.angle_beta   90.00
_cell.angle_gamma   90.00
#
_symmetry.space_group_name_H-M   'P 21 21 21'
#
loop_
_entity.id
_entity.type
_entity.pdbx_description
1 polymer Galectin-8
2 branched 'N-acetyl-alpha-neuraminic acid-(2-3)-beta-D-galactopyranose-(1-4)-beta-D-glucopyranose'
3 branched beta-D-galactopyranose-(1-4)-beta-D-glucopyranose
4 non-polymer 1,2-ETHANEDIOL
5 water water
#
_entity_poly.entity_id   1
_entity_poly.type   'polypeptide(L)'
_entity_poly.pdbx_seq_one_letter_code
;MMLSLNNLQNIIYNPVIPFVGTIPDQLDPGTLIVIRGHVPSDADRFQVDLQNGSSMKPRADVAFHFNPRFKRAGCIVCNT
LINEKWGREEITYDTPFKREKSFEIVIMVLKDKFQVAVNGKHTLLYGHRIGPEKIDTLGIYGKVNIHSIGFSFSSHMRLP
FAARLNTPMGPGRTVVVKGEVNANAKSFNVDLLAGKSKDIALHLNPRLNIKAFVRNSFLQESWGEEERNITSFPFSPGMY
FEMIIYCDVREFKVAVNGVHSLEYKHRFKELSSIDTLEINGDIHLLEVRSW
;
_entity_poly.pdbx_strand_id   A,B
#
loop_
_chem_comp.id
_chem_comp.type
_chem_comp.name
_chem_comp.formula
BGC D-saccharide, beta linking beta-D-glucopyranose 'C6 H12 O6'
EDO non-polymer 1,2-ETHANEDIOL 'C2 H6 O2'
GAL D-saccharide, beta linking beta-D-galactopyranose 'C6 H12 O6'
SIA D-saccharide, alpha linking 'N-acetyl-alpha-neuraminic acid' 'C11 H19 N O9'
#
# COMPACT_ATOMS: atom_id res chain seq x y z
N MET A 1 -9.25 -0.81 13.80
CA MET A 1 -8.20 -1.74 13.29
C MET A 1 -8.29 -3.14 13.89
N MET A 2 -7.55 -4.05 13.27
CA MET A 2 -7.51 -5.44 13.69
C MET A 2 -6.44 -6.06 12.79
N LEU A 3 -5.22 -6.12 13.32
CA LEU A 3 -4.09 -6.64 12.58
C LEU A 3 -4.33 -7.98 11.89
N SER A 4 -4.11 -8.01 10.58
CA SER A 4 -4.30 -9.22 9.77
C SER A 4 -3.02 -10.08 9.79
N LEU A 5 -1.92 -9.45 10.14
CA LEU A 5 -0.64 -10.12 10.21
C LEU A 5 -0.05 -9.97 11.59
N ASN A 6 0.48 -11.06 12.13
CA ASN A 6 1.08 -10.99 13.44
C ASN A 6 2.57 -10.97 13.21
N ASN A 7 3.19 -9.83 13.42
CA ASN A 7 4.64 -9.72 13.23
C ASN A 7 5.16 -8.74 14.25
N LEU A 8 4.58 -8.77 15.45
CA LEU A 8 5.02 -7.89 16.53
C LEU A 8 6.41 -8.29 17.00
N GLN A 9 7.19 -7.28 17.37
CA GLN A 9 8.54 -7.49 17.83
C GLN A 9 8.61 -7.14 19.29
N ASN A 10 9.71 -7.52 19.94
CA ASN A 10 9.90 -7.18 21.33
C ASN A 10 8.65 -7.47 22.15
N ILE A 11 8.14 -8.70 22.05
CA ILE A 11 6.94 -9.10 22.78
C ILE A 11 7.19 -9.14 24.29
N ILE A 12 6.30 -8.52 25.06
CA ILE A 12 6.46 -8.48 26.51
C ILE A 12 5.33 -9.25 27.17
N TYR A 13 5.67 -10.21 28.02
CA TYR A 13 4.62 -10.99 28.68
C TYR A 13 4.45 -10.78 30.17
N ASN A 14 3.20 -10.61 30.56
CA ASN A 14 2.83 -10.42 31.95
C ASN A 14 3.72 -9.43 32.67
N PRO A 15 3.77 -8.18 32.19
CA PRO A 15 4.63 -7.25 32.92
C PRO A 15 3.96 -6.86 34.25
N VAL A 16 4.78 -6.59 35.25
CA VAL A 16 4.27 -6.19 36.55
C VAL A 16 3.92 -4.70 36.53
N ILE A 17 2.74 -4.35 37.03
CA ILE A 17 2.31 -2.96 37.08
C ILE A 17 2.55 -2.35 38.45
N PRO A 18 3.08 -1.12 38.50
CA PRO A 18 3.47 -0.27 37.39
C PRO A 18 4.65 -0.78 36.58
N PHE A 19 4.52 -0.67 35.25
CA PHE A 19 5.57 -1.09 34.32
C PHE A 19 6.11 0.15 33.62
N VAL A 20 7.41 0.33 33.66
CA VAL A 20 7.99 1.47 32.98
C VAL A 20 9.10 0.88 32.14
N GLY A 21 8.86 0.83 30.84
CA GLY A 21 9.84 0.26 29.94
C GLY A 21 10.23 1.13 28.75
N THR A 22 11.46 0.93 28.31
CA THR A 22 11.96 1.68 27.16
C THR A 22 11.43 1.07 25.86
N ILE A 23 10.94 1.93 24.98
CA ILE A 23 10.41 1.54 23.69
C ILE A 23 11.68 1.19 22.95
N PRO A 24 11.78 -0.05 22.46
CA PRO A 24 13.02 -0.43 21.78
C PRO A 24 13.28 0.18 20.41
N ASP A 25 12.41 1.08 19.96
CA ASP A 25 12.68 1.75 18.70
C ASP A 25 11.93 3.07 18.68
N GLN A 26 12.21 3.91 17.69
CA GLN A 26 11.56 5.20 17.56
C GLN A 26 10.16 5.01 17.01
N LEU A 27 9.20 5.80 17.50
CA LEU A 27 7.83 5.67 17.04
C LEU A 27 7.60 6.45 15.76
N ASP A 28 8.12 5.93 14.65
CA ASP A 28 7.96 6.59 13.35
C ASP A 28 6.55 6.27 12.83
N PRO A 29 6.01 7.13 11.96
CA PRO A 29 4.68 6.90 11.41
C PRO A 29 4.55 5.47 10.90
N GLY A 30 3.40 4.85 11.17
CA GLY A 30 3.18 3.48 10.74
C GLY A 30 3.50 2.54 11.88
N THR A 31 4.04 3.08 12.95
CA THR A 31 4.37 2.27 14.12
C THR A 31 3.10 1.84 14.84
N LEU A 32 3.08 0.59 15.30
CA LEU A 32 1.94 0.10 16.05
C LEU A 32 2.35 -0.32 17.45
N ILE A 33 1.52 -0.03 18.44
CA ILE A 33 1.77 -0.48 19.82
C ILE A 33 0.56 -1.32 20.20
N VAL A 34 0.75 -2.60 20.48
CA VAL A 34 -0.36 -3.47 20.81
C VAL A 34 -0.30 -3.94 22.26
N ILE A 35 -1.36 -3.62 23.01
CA ILE A 35 -1.42 -3.98 24.43
C ILE A 35 -2.62 -4.85 24.70
N ARG A 36 -2.38 -6.02 25.28
CA ARG A 36 -3.45 -6.93 25.60
C ARG A 36 -3.52 -7.16 27.10
N GLY A 37 -4.73 -7.14 27.64
CA GLY A 37 -4.90 -7.37 29.07
C GLY A 37 -6.36 -7.39 29.47
N HIS A 38 -6.63 -7.21 30.77
CA HIS A 38 -8.00 -7.17 31.25
C HIS A 38 -8.14 -6.24 32.44
N VAL A 39 -9.37 -5.77 32.65
CA VAL A 39 -9.67 -4.87 33.76
C VAL A 39 -10.16 -5.67 34.96
N PRO A 40 -9.49 -5.52 36.11
CA PRO A 40 -9.88 -6.25 37.31
C PRO A 40 -11.26 -5.81 37.78
N SER A 41 -11.90 -6.67 38.57
CA SER A 41 -13.24 -6.43 39.09
C SER A 41 -13.35 -5.17 39.97
N ASP A 42 -12.22 -4.70 40.51
CA ASP A 42 -12.21 -3.50 41.33
C ASP A 42 -11.89 -2.24 40.54
N ALA A 43 -10.91 -2.35 39.64
CA ALA A 43 -10.46 -1.24 38.79
C ALA A 43 -11.29 0.04 38.76
N ASP A 44 -10.68 1.13 39.20
CA ASP A 44 -11.33 2.44 39.20
C ASP A 44 -10.81 3.23 38.00
N ARG A 45 -9.54 3.02 37.67
CA ARG A 45 -8.91 3.70 36.55
C ARG A 45 -7.49 3.20 36.32
N PHE A 46 -7.02 3.28 35.08
CA PHE A 46 -5.65 2.89 34.77
C PHE A 46 -5.19 3.74 33.59
N GLN A 47 -3.89 3.74 33.31
CA GLN A 47 -3.38 4.57 32.23
C GLN A 47 -2.18 4.03 31.47
N VAL A 48 -2.16 4.29 30.17
CA VAL A 48 -1.05 3.88 29.32
C VAL A 48 -0.42 5.21 28.95
N ASP A 49 0.84 5.39 29.34
CA ASP A 49 1.53 6.65 29.08
C ASP A 49 2.78 6.55 28.20
N LEU A 50 2.76 7.23 27.06
CA LEU A 50 3.93 7.24 26.21
C LEU A 50 4.67 8.48 26.72
N GLN A 51 5.79 8.23 27.40
CA GLN A 51 6.57 9.31 28.02
C GLN A 51 7.94 9.57 27.42
N ASN A 52 8.45 10.78 27.66
CA ASN A 52 9.80 11.11 27.21
C ASN A 52 10.69 10.89 28.43
N GLY A 53 11.25 9.69 28.50
CA GLY A 53 12.09 9.30 29.62
C GLY A 53 11.26 8.80 30.80
N SER A 54 11.94 8.44 31.87
CA SER A 54 11.28 7.89 33.05
C SER A 54 11.61 8.58 34.36
N SER A 55 12.10 9.81 34.27
CA SER A 55 12.40 10.55 35.49
C SER A 55 11.08 10.72 36.23
N MET A 56 11.10 10.64 37.56
CA MET A 56 9.87 10.82 38.33
C MET A 56 9.91 12.08 39.20
N LYS A 57 11.03 12.77 39.13
CA LYS A 57 11.24 13.99 39.91
C LYS A 57 12.37 14.77 39.23
N PRO A 58 12.03 15.74 38.35
CA PRO A 58 10.67 16.12 37.97
C PRO A 58 9.99 14.99 37.19
N ARG A 59 8.67 14.92 37.26
CA ARG A 59 7.96 13.88 36.54
C ARG A 59 8.19 14.05 35.05
N ALA A 60 8.60 12.96 34.39
CA ALA A 60 8.85 12.96 32.97
C ALA A 60 7.64 13.41 32.18
N ASP A 61 7.86 14.20 31.13
CA ASP A 61 6.78 14.68 30.28
C ASP A 61 6.08 13.51 29.61
N VAL A 62 4.74 13.54 29.63
CA VAL A 62 3.92 12.47 29.03
C VAL A 62 3.35 12.97 27.71
N ALA A 63 3.97 12.52 26.62
CA ALA A 63 3.57 12.90 25.27
C ALA A 63 2.15 12.46 24.94
N PHE A 64 1.73 11.33 25.49
CA PHE A 64 0.38 10.80 25.25
C PHE A 64 -0.18 10.04 26.46
N HIS A 65 -1.22 10.60 27.05
CA HIS A 65 -1.86 10.03 28.23
C HIS A 65 -3.14 9.32 27.82
N PHE A 66 -3.14 8.00 27.92
CA PHE A 66 -4.31 7.19 27.57
C PHE A 66 -4.81 6.73 28.93
N ASN A 67 -5.94 7.30 29.37
CA ASN A 67 -6.46 7.03 30.70
C ASN A 67 -7.91 6.57 30.79
N PRO A 68 -8.12 5.26 30.64
CA PRO A 68 -9.49 4.74 30.73
C PRO A 68 -9.97 4.90 32.18
N ARG A 69 -11.14 5.49 32.38
CA ARG A 69 -11.67 5.64 33.73
C ARG A 69 -13.03 4.97 33.82
N PHE A 70 -13.26 4.28 34.93
CA PHE A 70 -14.51 3.58 35.15
C PHE A 70 -15.36 4.34 36.17
N LYS A 71 -16.49 4.82 35.68
CA LYS A 71 -17.43 5.58 36.48
C LYS A 71 -18.83 5.39 35.88
N ARG A 72 -19.83 5.99 36.52
CA ARG A 72 -21.21 5.86 36.05
C ARG A 72 -21.24 5.86 34.52
N ALA A 73 -20.73 6.94 33.91
CA ALA A 73 -20.68 7.02 32.46
C ALA A 73 -19.66 5.99 31.98
N GLY A 74 -18.39 6.33 32.10
CA GLY A 74 -17.35 5.43 31.66
C GLY A 74 -16.67 6.11 30.49
N CYS A 75 -15.36 6.26 30.56
CA CYS A 75 -14.69 6.96 29.48
C CYS A 75 -13.20 6.72 29.38
N ILE A 76 -12.61 7.39 28.41
CA ILE A 76 -11.19 7.33 28.16
C ILE A 76 -10.75 8.79 28.13
N VAL A 77 -9.84 9.14 29.03
CA VAL A 77 -9.34 10.50 29.15
C VAL A 77 -7.95 10.60 28.55
N CYS A 78 -7.76 11.56 27.65
CA CYS A 78 -6.47 11.73 27.03
C CYS A 78 -5.95 13.13 27.23
N ASN A 79 -4.64 13.24 27.48
CA ASN A 79 -4.02 14.53 27.71
C ASN A 79 -2.53 14.43 27.42
N THR A 80 -1.81 15.51 27.70
CA THR A 80 -0.37 15.56 27.51
C THR A 80 0.24 16.31 28.70
N LEU A 81 1.34 15.79 29.24
CA LEU A 81 1.97 16.46 30.37
C LEU A 81 3.35 17.03 30.06
N ILE A 82 3.45 18.36 30.08
CA ILE A 82 4.71 19.04 29.83
C ILE A 82 5.07 19.83 31.07
N ASN A 83 6.32 19.67 31.50
CA ASN A 83 6.83 20.29 32.71
C ASN A 83 5.90 20.04 33.89
N GLU A 84 5.42 18.81 34.00
CA GLU A 84 4.58 18.42 35.13
C GLU A 84 3.24 19.13 35.20
N LYS A 85 2.84 19.75 34.10
CA LYS A 85 1.57 20.46 34.06
C LYS A 85 0.70 19.82 32.96
N TRP A 86 -0.55 19.54 33.29
CA TRP A 86 -1.47 18.94 32.32
C TRP A 86 -2.03 19.98 31.35
N GLY A 87 -2.23 19.58 30.10
CA GLY A 87 -2.78 20.46 29.10
C GLY A 87 -4.28 20.26 29.06
N ARG A 88 -4.88 20.54 27.90
CA ARG A 88 -6.33 20.38 27.71
C ARG A 88 -6.71 18.90 27.59
N GLU A 89 -7.67 18.45 28.39
CA GLU A 89 -8.13 17.06 28.30
C GLU A 89 -8.98 16.82 27.07
N GLU A 90 -8.80 15.66 26.43
CA GLU A 90 -9.61 15.27 25.28
C GLU A 90 -10.29 14.00 25.81
N ILE A 91 -11.60 14.08 26.03
CA ILE A 91 -12.31 12.95 26.59
C ILE A 91 -13.24 12.22 25.62
N THR A 92 -13.11 10.90 25.57
CA THR A 92 -13.96 10.09 24.71
C THR A 92 -14.83 9.19 25.59
N TYR A 93 -16.15 9.28 25.39
CA TYR A 93 -17.11 8.47 26.14
C TYR A 93 -17.52 7.27 25.30
N ASP A 94 -18.40 6.42 25.85
CA ASP A 94 -18.86 5.20 25.17
C ASP A 94 -17.66 4.27 25.17
N THR A 95 -16.97 4.29 26.31
CA THR A 95 -15.78 3.50 26.58
C THR A 95 -15.85 2.00 26.27
N PRO A 96 -14.93 1.53 25.42
CA PRO A 96 -14.88 0.12 25.04
C PRO A 96 -14.46 -0.75 26.21
N PHE A 97 -13.80 -0.14 27.19
CA PHE A 97 -13.32 -0.85 28.36
C PHE A 97 -14.38 -1.12 29.42
N LYS A 98 -14.34 -2.31 30.00
CA LYS A 98 -15.29 -2.71 31.03
C LYS A 98 -14.63 -3.66 32.00
N ARG A 99 -15.01 -3.55 33.27
CA ARG A 99 -14.46 -4.41 34.33
C ARG A 99 -14.65 -5.90 34.07
N GLU A 100 -13.62 -6.68 34.39
CA GLU A 100 -13.69 -8.13 34.19
C GLU A 100 -13.80 -8.49 32.72
N LYS A 101 -13.38 -7.59 31.84
CA LYS A 101 -13.43 -7.86 30.41
C LYS A 101 -12.01 -7.71 29.86
N SER A 102 -11.64 -8.57 28.93
CA SER A 102 -10.32 -8.52 28.32
C SER A 102 -10.37 -7.55 27.15
N PHE A 103 -9.20 -7.06 26.71
CA PHE A 103 -9.16 -6.10 25.61
C PHE A 103 -7.87 -6.14 24.79
N GLU A 104 -7.94 -5.53 23.60
CA GLU A 104 -6.75 -5.39 22.75
C GLU A 104 -6.75 -3.94 22.28
N ILE A 105 -5.70 -3.22 22.66
CA ILE A 105 -5.56 -1.82 22.29
C ILE A 105 -4.50 -1.69 21.20
N VAL A 106 -4.84 -1.03 20.11
CA VAL A 106 -3.88 -0.84 19.04
C VAL A 106 -3.68 0.66 18.92
N ILE A 107 -2.51 1.12 19.35
CA ILE A 107 -2.15 2.52 19.29
C ILE A 107 -1.29 2.66 18.05
N MET A 108 -1.78 3.41 17.08
CA MET A 108 -1.05 3.64 15.85
C MET A 108 -0.56 5.07 15.79
N VAL A 109 0.71 5.24 15.46
CA VAL A 109 1.31 6.55 15.37
C VAL A 109 1.24 7.10 13.95
N LEU A 110 0.62 8.25 13.78
CA LEU A 110 0.55 8.86 12.46
C LEU A 110 1.44 10.10 12.52
N LYS A 111 1.68 10.73 11.38
CA LYS A 111 2.54 11.92 11.33
C LYS A 111 2.05 12.99 12.28
N ASP A 112 0.73 13.13 12.35
CA ASP A 112 0.10 14.16 13.16
C ASP A 112 -0.76 13.69 14.32
N LYS A 113 -1.04 12.38 14.40
CA LYS A 113 -1.93 11.89 15.47
C LYS A 113 -1.73 10.44 15.82
N PHE A 114 -2.23 10.09 17.00
CA PHE A 114 -2.24 8.71 17.43
C PHE A 114 -3.66 8.29 17.04
N GLN A 115 -3.84 7.06 16.56
CA GLN A 115 -5.18 6.60 16.24
C GLN A 115 -5.33 5.36 17.10
N VAL A 116 -6.43 5.26 17.83
CA VAL A 116 -6.57 4.12 18.73
C VAL A 116 -7.83 3.28 18.56
N ALA A 117 -7.61 1.99 18.39
CA ALA A 117 -8.70 1.04 18.25
C ALA A 117 -8.66 0.08 19.44
N VAL A 118 -9.81 -0.25 19.99
CA VAL A 118 -9.85 -1.20 21.08
C VAL A 118 -10.79 -2.31 20.66
N ASN A 119 -10.31 -3.54 20.69
CA ASN A 119 -11.10 -4.70 20.31
C ASN A 119 -11.68 -4.68 18.89
N GLY A 120 -10.86 -4.26 17.91
CA GLY A 120 -11.29 -4.23 16.53
C GLY A 120 -12.24 -3.12 16.14
N LYS A 121 -12.42 -2.15 17.02
CA LYS A 121 -13.30 -1.02 16.74
C LYS A 121 -12.54 0.26 16.98
N HIS A 122 -12.70 1.24 16.10
CA HIS A 122 -12.03 2.51 16.28
C HIS A 122 -12.48 3.16 17.58
N THR A 123 -11.53 3.65 18.36
CA THR A 123 -11.91 4.30 19.60
C THR A 123 -11.64 5.81 19.61
N LEU A 124 -10.45 6.23 19.25
CA LEU A 124 -10.15 7.67 19.28
C LEU A 124 -8.87 8.09 18.59
N LEU A 125 -8.79 9.38 18.26
CA LEU A 125 -7.61 9.93 17.61
C LEU A 125 -7.01 10.96 18.54
N TYR A 126 -5.68 11.10 18.51
CA TYR A 126 -5.02 12.09 19.38
C TYR A 126 -3.89 12.86 18.70
N GLY A 127 -4.08 14.17 18.57
CA GLY A 127 -3.08 15.02 17.95
C GLY A 127 -1.81 15.15 18.77
N HIS A 128 -0.68 15.04 18.10
CA HIS A 128 0.61 15.15 18.76
C HIS A 128 0.81 16.55 19.33
N ARG A 129 1.16 16.60 20.61
CA ARG A 129 1.41 17.88 21.27
C ARG A 129 2.92 17.96 21.50
N ILE A 130 3.54 16.81 21.67
CA ILE A 130 4.98 16.73 21.84
C ILE A 130 5.43 15.87 20.66
N GLY A 131 6.56 16.23 20.04
CA GLY A 131 7.05 15.46 18.91
C GLY A 131 7.13 14.00 19.31
N PRO A 132 6.74 13.06 18.45
CA PRO A 132 6.81 11.64 18.82
C PRO A 132 8.23 11.11 18.90
N GLU A 133 9.16 11.78 18.22
CA GLU A 133 10.55 11.37 18.24
C GLU A 133 11.08 11.50 19.66
N LYS A 134 10.38 12.28 20.46
CA LYS A 134 10.79 12.54 21.84
C LYS A 134 10.26 11.48 22.81
N ILE A 135 9.43 10.56 22.32
CA ILE A 135 8.88 9.49 23.15
C ILE A 135 9.81 8.29 23.11
N ASP A 136 10.22 7.80 24.27
CA ASP A 136 11.10 6.64 24.33
C ASP A 136 10.75 5.69 25.45
N THR A 137 9.69 5.97 26.18
CA THR A 137 9.33 5.07 27.27
C THR A 137 7.82 4.86 27.41
N LEU A 138 7.46 3.62 27.70
CA LEU A 138 6.08 3.21 27.86
C LEU A 138 5.76 2.99 29.35
N GLY A 139 4.79 3.73 29.86
CA GLY A 139 4.38 3.59 31.26
C GLY A 139 2.96 3.06 31.39
N ILE A 140 2.73 2.08 32.26
CA ILE A 140 1.38 1.56 32.47
C ILE A 140 1.11 1.55 33.97
N TYR A 141 0.10 2.30 34.39
CA TYR A 141 -0.23 2.45 35.80
C TYR A 141 -1.71 2.28 36.08
N GLY A 142 -2.03 2.05 37.35
CA GLY A 142 -3.41 1.90 37.75
C GLY A 142 -3.87 0.48 37.89
N LYS A 143 -5.19 0.29 37.90
CA LYS A 143 -5.77 -1.02 38.07
C LYS A 143 -6.05 -1.68 36.74
N VAL A 144 -5.06 -2.40 36.23
CA VAL A 144 -5.17 -3.10 34.97
C VAL A 144 -4.12 -4.21 34.97
N ASN A 145 -4.46 -5.34 34.37
CA ASN A 145 -3.53 -6.44 34.31
C ASN A 145 -3.07 -6.56 32.86
N ILE A 146 -1.76 -6.53 32.65
CA ILE A 146 -1.22 -6.62 31.30
C ILE A 146 -0.71 -8.02 30.96
N HIS A 147 -1.30 -8.60 29.92
CA HIS A 147 -0.92 -9.93 29.46
C HIS A 147 0.27 -9.83 28.51
N SER A 148 0.17 -8.95 27.53
CA SER A 148 1.26 -8.77 26.58
C SER A 148 1.26 -7.41 25.88
N ILE A 149 2.46 -6.94 25.59
CA ILE A 149 2.67 -5.69 24.88
C ILE A 149 3.53 -6.04 23.67
N GLY A 150 3.24 -5.44 22.53
CA GLY A 150 4.03 -5.74 21.35
C GLY A 150 4.19 -4.53 20.45
N PHE A 151 5.19 -4.60 19.57
CA PHE A 151 5.49 -3.49 18.69
C PHE A 151 5.69 -3.88 17.25
N SER A 152 5.53 -2.89 16.39
CA SER A 152 5.71 -3.06 14.96
C SER A 152 6.34 -1.74 14.53
N PHE A 153 7.56 -1.80 14.02
CA PHE A 153 8.25 -0.59 13.60
C PHE A 153 8.52 -0.61 12.10
N SER A 154 9.59 0.09 11.70
CA SER A 154 10.03 0.15 10.30
C SER A 154 10.94 -1.06 10.13
N SER A 155 11.72 -1.31 11.18
CA SER A 155 12.63 -2.44 11.20
C SER A 155 11.77 -3.70 11.30
N HIS A 156 10.54 -3.55 11.82
CA HIS A 156 9.59 -4.67 11.96
C HIS A 156 9.57 -5.46 10.64
N MET A 157 10.07 -4.82 9.58
CA MET A 157 10.15 -5.43 8.27
C MET A 157 11.60 -5.66 7.88
N ARG A 158 12.36 -6.15 8.85
CA ARG A 158 13.76 -6.49 8.66
C ARG A 158 13.72 -7.96 8.27
N LEU A 159 14.76 -8.43 7.59
CA LEU A 159 14.81 -9.83 7.21
C LEU A 159 15.80 -10.57 8.11
N PRO A 160 15.54 -11.85 8.40
CA PRO A 160 14.41 -12.69 7.96
C PRO A 160 13.09 -12.17 8.46
N PHE A 161 12.06 -12.29 7.63
CA PHE A 161 10.71 -11.84 7.97
C PHE A 161 9.82 -13.06 8.19
N ALA A 162 9.15 -13.10 9.33
CA ALA A 162 8.23 -14.20 9.65
C ALA A 162 6.93 -13.63 10.17
N ALA A 163 5.81 -14.18 9.73
CA ALA A 163 4.53 -13.67 10.21
C ALA A 163 3.38 -14.67 10.13
N ARG A 164 2.54 -14.66 11.16
CA ARG A 164 1.35 -15.51 11.24
C ARG A 164 0.19 -14.89 10.47
N LEU A 165 -0.68 -15.73 9.91
CA LEU A 165 -1.84 -15.24 9.15
C LEU A 165 -3.12 -15.35 9.97
N ASN A 166 -3.51 -14.26 10.63
CA ASN A 166 -4.71 -14.23 11.48
C ASN A 166 -6.01 -14.54 10.75
N THR A 167 -5.91 -14.85 9.46
CA THR A 167 -7.07 -15.22 8.65
C THR A 167 -6.60 -16.41 7.82
N PRO A 168 -7.28 -17.55 7.98
CA PRO A 168 -6.92 -18.78 7.25
C PRO A 168 -6.80 -18.59 5.74
N MET A 169 -5.82 -19.26 5.15
CA MET A 169 -5.62 -19.20 3.70
C MET A 169 -6.75 -20.00 3.04
N GLY A 170 -7.30 -19.44 1.97
CA GLY A 170 -8.41 -20.09 1.28
C GLY A 170 -8.74 -19.37 -0.01
N PRO A 171 -9.53 -19.98 -0.90
CA PRO A 171 -9.89 -19.32 -2.16
C PRO A 171 -10.40 -17.88 -1.94
N GLY A 172 -9.85 -16.95 -2.71
CA GLY A 172 -10.24 -15.56 -2.61
C GLY A 172 -9.29 -14.76 -1.73
N ARG A 173 -8.44 -15.46 -1.01
CA ARG A 173 -7.46 -14.85 -0.13
C ARG A 173 -6.28 -14.30 -0.92
N THR A 174 -5.92 -13.05 -0.66
CA THR A 174 -4.82 -12.43 -1.37
C THR A 174 -3.68 -11.99 -0.44
N VAL A 175 -2.46 -12.14 -0.92
CA VAL A 175 -1.30 -11.74 -0.15
C VAL A 175 -0.39 -10.93 -1.06
N VAL A 176 -0.19 -9.66 -0.71
CA VAL A 176 0.65 -8.83 -1.53
C VAL A 176 1.86 -8.35 -0.74
N VAL A 177 2.99 -8.26 -1.45
CA VAL A 177 4.25 -7.84 -0.89
C VAL A 177 4.81 -6.81 -1.84
N LYS A 178 5.37 -5.75 -1.27
CA LYS A 178 5.94 -4.68 -2.06
C LYS A 178 7.32 -4.60 -1.47
N GLY A 179 8.30 -4.32 -2.31
CA GLY A 179 9.65 -4.24 -1.84
C GLY A 179 10.53 -3.85 -3.00
N GLU A 180 11.83 -3.92 -2.79
CA GLU A 180 12.77 -3.57 -3.82
C GLU A 180 13.93 -4.54 -3.79
N VAL A 181 14.26 -5.09 -4.96
CA VAL A 181 15.35 -6.04 -5.03
C VAL A 181 16.61 -5.24 -4.80
N ASN A 182 17.54 -5.78 -4.00
CA ASN A 182 18.77 -5.07 -3.72
C ASN A 182 19.61 -4.97 -4.98
N ALA A 183 20.42 -3.93 -5.06
CA ALA A 183 21.27 -3.69 -6.23
C ALA A 183 22.11 -4.87 -6.69
N ASN A 184 22.58 -5.69 -5.76
CA ASN A 184 23.45 -6.81 -6.10
C ASN A 184 22.85 -8.10 -5.61
N ALA A 185 21.53 -8.15 -5.65
CA ALA A 185 20.79 -9.31 -5.20
C ALA A 185 21.09 -10.57 -6.00
N LYS A 186 21.16 -11.69 -5.30
CA LYS A 186 21.38 -13.00 -5.91
C LYS A 186 19.97 -13.57 -6.03
N SER A 187 19.26 -13.60 -4.90
CA SER A 187 17.90 -14.09 -4.87
C SER A 187 17.22 -13.74 -3.56
N PHE A 188 15.91 -13.96 -3.51
CA PHE A 188 15.10 -13.71 -2.34
C PHE A 188 13.94 -14.71 -2.41
N ASN A 189 13.26 -14.93 -1.29
CA ASN A 189 12.16 -15.88 -1.31
C ASN A 189 10.97 -15.45 -0.47
N VAL A 190 9.78 -15.88 -0.89
CA VAL A 190 8.57 -15.59 -0.15
C VAL A 190 7.90 -16.95 -0.07
N ASP A 191 7.69 -17.42 1.15
CA ASP A 191 7.08 -18.74 1.36
C ASP A 191 5.76 -18.73 2.12
N LEU A 192 4.86 -19.63 1.74
CA LEU A 192 3.63 -19.78 2.50
C LEU A 192 3.78 -21.18 3.07
N LEU A 193 3.98 -21.28 4.38
CA LEU A 193 4.10 -22.57 5.04
C LEU A 193 3.00 -22.89 6.06
N ALA A 194 2.83 -24.17 6.37
CA ALA A 194 1.86 -24.62 7.35
C ALA A 194 2.61 -24.82 8.66
N GLY A 195 2.41 -23.90 9.61
CA GLY A 195 3.09 -23.99 10.89
C GLY A 195 3.09 -25.40 11.43
N LYS A 196 1.89 -25.95 11.61
CA LYS A 196 1.70 -27.30 12.11
C LYS A 196 2.69 -28.26 11.48
N SER A 197 2.31 -28.81 10.33
CA SER A 197 3.14 -29.77 9.62
C SER A 197 4.51 -29.25 9.16
N LYS A 198 4.90 -28.05 9.59
CA LYS A 198 6.18 -27.46 9.18
C LYS A 198 6.42 -27.77 7.71
N ASP A 199 5.41 -27.49 6.89
CA ASP A 199 5.51 -27.75 5.46
C ASP A 199 5.48 -26.42 4.71
N ILE A 200 6.09 -26.40 3.52
CA ILE A 200 6.12 -25.20 2.70
C ILE A 200 5.20 -25.43 1.50
N ALA A 201 3.98 -24.91 1.61
CA ALA A 201 2.99 -25.09 0.57
C ALA A 201 3.41 -24.44 -0.73
N LEU A 202 3.95 -23.24 -0.63
CA LEU A 202 4.39 -22.52 -1.81
C LEU A 202 5.67 -21.79 -1.50
N HIS A 203 6.69 -22.08 -2.31
CA HIS A 203 8.01 -21.49 -2.19
C HIS A 203 8.22 -20.72 -3.47
N LEU A 204 8.17 -19.40 -3.38
CA LEU A 204 8.39 -18.53 -4.52
C LEU A 204 9.81 -18.04 -4.35
N ASN A 205 10.68 -18.47 -5.26
CA ASN A 205 12.08 -18.12 -5.14
C ASN A 205 12.64 -17.42 -6.39
N PRO A 206 12.49 -16.09 -6.46
CA PRO A 206 13.04 -15.42 -7.63
C PRO A 206 14.55 -15.40 -7.47
N ARG A 207 15.26 -15.84 -8.50
CA ARG A 207 16.71 -15.86 -8.44
C ARG A 207 17.17 -14.92 -9.53
N LEU A 208 17.82 -13.84 -9.10
CA LEU A 208 18.29 -12.82 -10.02
C LEU A 208 19.60 -13.13 -10.70
N ASN A 209 20.43 -13.91 -10.05
CA ASN A 209 21.73 -14.25 -10.58
C ASN A 209 21.57 -15.16 -11.79
N ILE A 210 20.58 -16.05 -11.77
CA ILE A 210 20.36 -16.93 -12.91
C ILE A 210 19.15 -16.56 -13.73
N LYS A 211 18.49 -15.47 -13.37
CA LYS A 211 17.30 -15.01 -14.11
C LYS A 211 16.26 -16.12 -14.29
N ALA A 212 15.84 -16.71 -13.18
CA ALA A 212 14.86 -17.77 -13.27
C ALA A 212 13.99 -17.71 -12.04
N PHE A 213 12.81 -18.31 -12.12
CA PHE A 213 11.86 -18.26 -11.04
C PHE A 213 11.54 -19.68 -10.58
N VAL A 214 12.17 -20.10 -9.50
CA VAL A 214 11.93 -21.46 -9.01
C VAL A 214 10.73 -21.43 -8.10
N ARG A 215 9.85 -22.38 -8.33
CA ARG A 215 8.62 -22.50 -7.56
C ARG A 215 8.55 -23.96 -7.19
N ASN A 216 8.28 -24.22 -5.92
CA ASN A 216 8.26 -25.60 -5.46
C ASN A 216 7.59 -25.68 -4.11
N SER A 217 7.44 -26.91 -3.61
CA SER A 217 6.83 -27.14 -2.30
C SER A 217 7.74 -28.04 -1.49
N PHE A 218 7.76 -27.80 -0.18
CA PHE A 218 8.58 -28.59 0.73
C PHE A 218 7.62 -29.31 1.67
N LEU A 219 7.45 -30.60 1.41
CA LEU A 219 6.55 -31.44 2.20
C LEU A 219 7.27 -32.73 2.59
N GLN A 220 6.86 -33.33 3.71
CA GLN A 220 7.50 -34.55 4.20
C GLN A 220 9.00 -34.35 4.22
N GLU A 221 9.43 -33.20 4.75
CA GLU A 221 10.85 -32.88 4.84
C GLU A 221 11.53 -33.08 3.49
N SER A 222 10.86 -32.70 2.41
CA SER A 222 11.45 -32.87 1.09
C SER A 222 10.95 -31.91 0.02
N TRP A 223 11.87 -31.55 -0.87
CA TRP A 223 11.58 -30.67 -1.99
C TRP A 223 10.96 -31.49 -3.11
N GLY A 224 9.96 -30.92 -3.77
CA GLY A 224 9.30 -31.59 -4.88
C GLY A 224 9.93 -31.27 -6.21
N GLU A 225 9.13 -31.38 -7.27
CA GLU A 225 9.59 -31.07 -8.61
C GLU A 225 9.46 -29.56 -8.83
N GLU A 226 10.54 -28.92 -9.27
CA GLU A 226 10.49 -27.48 -9.46
C GLU A 226 9.68 -27.04 -10.67
N GLU A 227 9.15 -25.82 -10.60
CA GLU A 227 8.37 -25.23 -11.69
C GLU A 227 9.05 -23.91 -12.05
N ARG A 228 9.59 -23.84 -13.27
CA ARG A 228 10.31 -22.64 -13.71
C ARG A 228 9.77 -21.99 -14.99
N ASN A 229 8.83 -22.65 -15.68
CA ASN A 229 8.32 -22.07 -16.90
C ASN A 229 7.77 -20.70 -16.59
N ILE A 230 8.10 -19.73 -17.42
CA ILE A 230 7.59 -18.38 -17.22
C ILE A 230 7.86 -17.62 -18.49
N THR A 231 6.84 -16.91 -18.95
CA THR A 231 6.96 -16.17 -20.18
C THR A 231 8.11 -15.16 -20.17
N SER A 232 8.57 -14.76 -18.99
CA SER A 232 9.66 -13.78 -18.88
C SER A 232 10.03 -13.44 -17.43
N PHE A 233 11.30 -13.63 -17.06
CA PHE A 233 11.75 -13.27 -15.70
C PHE A 233 11.30 -11.84 -15.39
N PRO A 234 10.37 -11.65 -14.43
CA PRO A 234 9.89 -10.31 -14.09
C PRO A 234 10.75 -9.43 -13.20
N PHE A 235 11.64 -10.05 -12.43
CA PHE A 235 12.55 -9.35 -11.53
C PHE A 235 13.90 -8.89 -12.05
N SER A 236 14.34 -7.71 -11.63
CA SER A 236 15.66 -7.20 -12.00
C SER A 236 16.28 -6.55 -10.75
N PRO A 237 17.53 -6.87 -10.41
CA PRO A 237 18.14 -6.27 -9.23
C PRO A 237 17.99 -4.75 -9.14
N GLY A 238 17.70 -4.26 -7.95
CA GLY A 238 17.53 -2.83 -7.73
C GLY A 238 16.17 -2.31 -8.17
N MET A 239 15.27 -3.20 -8.54
CA MET A 239 13.97 -2.79 -9.04
C MET A 239 12.87 -2.90 -8.01
N TYR A 240 12.03 -1.87 -7.98
CA TYR A 240 10.90 -1.83 -7.07
C TYR A 240 9.90 -2.82 -7.62
N PHE A 241 9.14 -3.45 -6.75
CA PHE A 241 8.16 -4.41 -7.23
C PHE A 241 7.03 -4.61 -6.25
N GLU A 242 5.95 -5.20 -6.74
CA GLU A 242 4.80 -5.52 -5.91
C GLU A 242 4.41 -6.87 -6.45
N MET A 243 4.10 -7.79 -5.55
CA MET A 243 3.76 -9.13 -5.95
C MET A 243 2.44 -9.56 -5.35
N ILE A 244 1.61 -10.18 -6.18
CA ILE A 244 0.31 -10.61 -5.73
C ILE A 244 0.27 -12.14 -5.76
N ILE A 245 0.06 -12.71 -4.58
CA ILE A 245 -0.08 -14.14 -4.44
C ILE A 245 -1.58 -14.26 -4.19
N TYR A 246 -2.29 -14.80 -5.15
CA TYR A 246 -3.73 -14.97 -5.03
C TYR A 246 -4.02 -16.45 -4.99
N CYS A 247 -4.62 -16.89 -3.89
CA CYS A 247 -4.96 -18.29 -3.72
C CYS A 247 -6.33 -18.53 -4.32
N ASP A 248 -6.44 -19.55 -5.16
CA ASP A 248 -7.70 -19.89 -5.80
C ASP A 248 -7.99 -21.31 -5.36
N VAL A 249 -9.08 -21.88 -5.87
CA VAL A 249 -9.47 -23.22 -5.50
C VAL A 249 -8.55 -24.33 -5.98
N ARG A 250 -8.02 -24.24 -7.19
CA ARG A 250 -7.13 -25.30 -7.68
C ARG A 250 -5.66 -24.93 -7.64
N GLU A 251 -5.37 -23.63 -7.64
CA GLU A 251 -3.97 -23.18 -7.60
C GLU A 251 -3.76 -21.74 -7.18
N PHE A 252 -2.49 -21.33 -7.16
CA PHE A 252 -2.10 -19.98 -6.77
C PHE A 252 -1.90 -19.21 -8.05
N LYS A 253 -2.29 -17.96 -8.06
CA LYS A 253 -2.09 -17.10 -9.21
C LYS A 253 -1.14 -16.06 -8.66
N VAL A 254 0.03 -15.92 -9.27
CA VAL A 254 0.98 -14.92 -8.81
C VAL A 254 1.36 -13.95 -9.91
N ALA A 255 1.21 -12.66 -9.62
CA ALA A 255 1.53 -11.57 -10.55
C ALA A 255 2.58 -10.62 -9.98
N VAL A 256 3.31 -9.93 -10.87
CA VAL A 256 4.29 -8.94 -10.43
C VAL A 256 4.00 -7.64 -11.15
N ASN A 257 3.86 -6.57 -10.37
CA ASN A 257 3.58 -5.25 -10.90
C ASN A 257 2.42 -5.19 -11.90
N GLY A 258 1.29 -5.81 -11.56
CA GLY A 258 0.14 -5.76 -12.42
C GLY A 258 0.15 -6.65 -13.65
N VAL A 259 1.15 -7.52 -13.76
CA VAL A 259 1.25 -8.44 -14.89
C VAL A 259 1.32 -9.84 -14.34
N HIS A 260 0.47 -10.72 -14.86
CA HIS A 260 0.43 -12.11 -14.41
C HIS A 260 1.79 -12.75 -14.64
N SER A 261 2.24 -13.55 -13.67
CA SER A 261 3.53 -14.21 -13.81
C SER A 261 3.41 -15.70 -14.04
N LEU A 262 2.70 -16.36 -13.15
CA LEU A 262 2.53 -17.80 -13.26
C LEU A 262 1.41 -18.31 -12.37
N GLU A 263 1.10 -19.59 -12.50
CA GLU A 263 0.10 -20.25 -11.68
C GLU A 263 0.83 -21.42 -11.00
N TYR A 264 0.37 -21.85 -9.85
CA TYR A 264 0.99 -22.98 -9.16
C TYR A 264 -0.09 -23.87 -8.60
N LYS A 265 -0.24 -25.06 -9.19
CA LYS A 265 -1.26 -26.03 -8.78
C LYS A 265 -0.98 -26.40 -7.31
N HIS A 266 -2.02 -26.33 -6.48
CA HIS A 266 -1.90 -26.64 -5.06
C HIS A 266 -1.33 -28.02 -4.82
N ARG A 267 -0.29 -28.11 -4.00
CA ARG A 267 0.32 -29.40 -3.69
C ARG A 267 -0.05 -29.73 -2.26
N PHE A 268 -0.23 -28.69 -1.48
CA PHE A 268 -0.62 -28.81 -0.08
C PHE A 268 -2.09 -28.53 -0.25
N LYS A 269 -2.89 -29.56 -0.07
CA LYS A 269 -4.32 -29.45 -0.32
C LYS A 269 -5.11 -28.83 0.82
N GLU A 270 -4.54 -28.81 2.01
CA GLU A 270 -5.22 -28.21 3.15
C GLU A 270 -4.94 -26.72 3.16
N LEU A 271 -5.58 -25.98 2.25
CA LEU A 271 -5.37 -24.55 2.15
C LEU A 271 -5.38 -23.84 3.50
N SER A 272 -6.40 -24.13 4.30
CA SER A 272 -6.57 -23.52 5.61
C SER A 272 -5.39 -23.73 6.55
N SER A 273 -4.61 -24.78 6.33
CA SER A 273 -3.45 -25.08 7.18
C SER A 273 -2.25 -24.17 6.90
N ILE A 274 -2.38 -23.33 5.87
CA ILE A 274 -1.33 -22.39 5.49
C ILE A 274 -1.49 -21.15 6.36
N ASP A 275 -0.81 -21.11 7.50
CA ASP A 275 -0.93 -19.98 8.40
C ASP A 275 0.38 -19.21 8.66
N THR A 276 1.32 -19.29 7.72
CA THR A 276 2.57 -18.59 7.93
C THR A 276 3.20 -18.01 6.67
N LEU A 277 3.71 -16.78 6.80
CA LEU A 277 4.36 -16.11 5.70
C LEU A 277 5.81 -15.82 6.07
N GLU A 278 6.73 -16.20 5.21
CA GLU A 278 8.14 -15.94 5.47
C GLU A 278 8.74 -15.26 4.25
N ILE A 279 9.46 -14.17 4.50
CA ILE A 279 10.10 -13.40 3.44
C ILE A 279 11.54 -13.20 3.85
N ASN A 280 12.45 -13.51 2.94
CA ASN A 280 13.87 -13.34 3.24
C ASN A 280 14.64 -13.17 1.93
N GLY A 281 15.93 -12.88 2.03
CA GLY A 281 16.72 -12.72 0.83
C GLY A 281 17.23 -11.33 0.49
N ASP A 282 17.75 -11.20 -0.72
CA ASP A 282 18.34 -9.96 -1.18
C ASP A 282 17.38 -8.90 -1.71
N ILE A 283 16.52 -8.42 -0.82
CA ILE A 283 15.59 -7.37 -1.18
C ILE A 283 15.36 -6.47 0.01
N HIS A 284 14.69 -5.37 -0.23
CA HIS A 284 14.34 -4.44 0.83
C HIS A 284 12.83 -4.56 0.99
N LEU A 285 12.39 -5.01 2.15
CA LEU A 285 10.96 -5.18 2.35
C LEU A 285 10.31 -3.86 2.69
N LEU A 286 9.31 -3.48 1.91
CA LEU A 286 8.57 -2.25 2.12
C LEU A 286 7.15 -2.40 2.65
N GLU A 287 6.47 -3.50 2.31
CA GLU A 287 5.09 -3.67 2.78
C GLU A 287 4.54 -5.08 2.60
N VAL A 288 3.64 -5.49 3.49
CA VAL A 288 3.02 -6.81 3.39
C VAL A 288 1.54 -6.73 3.75
N ARG A 289 0.70 -7.24 2.87
CA ARG A 289 -0.74 -7.23 3.08
C ARG A 289 -1.49 -8.54 2.94
N SER A 290 -2.12 -8.97 4.02
CA SER A 290 -2.91 -10.19 3.99
C SER A 290 -4.34 -9.68 3.87
N TRP A 291 -5.25 -10.59 3.53
CA TRP A 291 -6.67 -10.31 3.37
C TRP A 291 -7.26 -11.30 2.37
N MET B 1 5.90 -4.13 -16.31
CA MET B 1 4.93 -3.43 -15.44
C MET B 1 3.74 -2.86 -16.21
N MET B 2 2.55 -3.35 -15.89
CA MET B 2 1.30 -2.92 -16.52
C MET B 2 0.50 -2.21 -15.43
N LEU B 3 -0.16 -1.10 -15.77
CA LEU B 3 -0.94 -0.37 -14.77
C LEU B 3 -2.38 -0.85 -14.69
N SER B 4 -2.74 -1.49 -13.58
CA SER B 4 -4.10 -2.00 -13.39
C SER B 4 -5.13 -0.88 -13.37
N LEU B 5 -4.71 0.26 -12.83
CA LEU B 5 -5.57 1.44 -12.74
C LEU B 5 -5.13 2.54 -13.69
N ASN B 6 -6.09 3.16 -14.36
CA ASN B 6 -5.76 4.23 -15.27
C ASN B 6 -6.20 5.54 -14.67
N ASN B 7 -5.36 6.10 -13.81
CA ASN B 7 -5.67 7.37 -13.17
C ASN B 7 -5.71 8.45 -14.22
N LEU B 8 -6.90 9.01 -14.45
CA LEU B 8 -7.06 10.04 -15.46
C LEU B 8 -7.00 11.46 -14.90
N GLN B 9 -6.14 11.67 -13.91
CA GLN B 9 -5.97 12.99 -13.31
C GLN B 9 -5.32 13.88 -14.37
N ASN B 10 -4.07 13.58 -14.72
CA ASN B 10 -3.35 14.34 -15.73
C ASN B 10 -3.11 13.53 -17.00
N ILE B 11 -3.74 13.95 -18.09
CA ILE B 11 -3.62 13.28 -19.37
C ILE B 11 -3.53 14.33 -20.47
N ILE B 12 -2.58 14.13 -21.38
CA ILE B 12 -2.37 15.04 -22.50
C ILE B 12 -2.41 14.28 -23.83
N TYR B 13 -3.17 14.79 -24.79
CA TYR B 13 -3.30 14.12 -26.07
C TYR B 13 -2.64 14.78 -27.26
N ASN B 14 -2.10 13.93 -28.14
CA ASN B 14 -1.45 14.32 -29.38
C ASN B 14 -0.53 15.53 -29.34
N PRO B 15 0.51 15.51 -28.50
CA PRO B 15 1.34 16.71 -28.56
C PRO B 15 2.16 16.63 -29.83
N VAL B 16 2.49 17.75 -30.44
CA VAL B 16 3.29 17.70 -31.67
C VAL B 16 4.78 17.53 -31.38
N ILE B 17 5.45 16.72 -32.19
CA ILE B 17 6.89 16.49 -32.03
C ILE B 17 7.63 17.39 -33.00
N PRO B 18 8.67 18.10 -32.54
CA PRO B 18 9.23 18.13 -31.18
C PRO B 18 8.30 18.70 -30.13
N PHE B 19 8.23 18.01 -28.99
CA PHE B 19 7.42 18.45 -27.87
C PHE B 19 8.29 18.83 -26.67
N VAL B 20 7.97 19.95 -26.07
CA VAL B 20 8.70 20.38 -24.89
C VAL B 20 7.64 20.92 -23.97
N GLY B 21 7.26 20.15 -22.95
CA GLY B 21 6.23 20.61 -22.04
C GLY B 21 6.55 20.57 -20.57
N THR B 22 6.08 21.56 -19.84
CA THR B 22 6.34 21.61 -18.42
C THR B 22 5.59 20.52 -17.65
N ILE B 23 6.35 19.85 -16.78
CA ILE B 23 5.86 18.78 -15.94
C ILE B 23 5.01 19.51 -14.92
N PRO B 24 3.73 19.15 -14.81
CA PRO B 24 2.85 19.85 -13.86
C PRO B 24 3.06 19.62 -12.36
N ASP B 25 3.98 18.73 -12.00
CA ASP B 25 4.25 18.52 -10.58
C ASP B 25 5.66 17.97 -10.41
N GLN B 26 6.12 17.86 -9.17
CA GLN B 26 7.45 17.35 -8.92
C GLN B 26 7.45 15.84 -9.04
N LEU B 27 8.55 15.28 -9.53
CA LEU B 27 8.65 13.86 -9.69
C LEU B 27 9.05 13.20 -8.38
N ASP B 28 8.11 13.15 -7.44
CA ASP B 28 8.35 12.53 -6.14
C ASP B 28 8.36 11.04 -6.36
N PRO B 29 9.04 10.30 -5.47
CA PRO B 29 9.07 8.84 -5.64
C PRO B 29 7.66 8.30 -5.79
N GLY B 30 7.48 7.42 -6.76
CA GLY B 30 6.16 6.84 -6.97
C GLY B 30 5.40 7.46 -8.12
N THR B 31 5.82 8.64 -8.56
CA THR B 31 5.17 9.32 -9.69
C THR B 31 5.30 8.45 -10.94
N LEU B 32 4.24 8.40 -11.74
CA LEU B 32 4.28 7.62 -12.97
C LEU B 32 4.08 8.52 -14.17
N ILE B 33 4.84 8.25 -15.24
CA ILE B 33 4.71 8.99 -16.50
C ILE B 33 4.37 7.93 -17.54
N VAL B 34 3.23 8.09 -18.19
CA VAL B 34 2.84 7.12 -19.20
C VAL B 34 2.82 7.75 -20.58
N ILE B 35 3.60 7.18 -21.49
CA ILE B 35 3.71 7.69 -22.85
C ILE B 35 3.30 6.59 -23.83
N ARG B 36 2.27 6.90 -24.61
CA ARG B 36 1.70 5.99 -25.59
C ARG B 36 1.84 6.54 -27.00
N GLY B 37 2.31 5.72 -27.92
CA GLY B 37 2.46 6.16 -29.29
C GLY B 37 2.92 5.05 -30.21
N HIS B 38 3.43 5.43 -31.38
CA HIS B 38 3.93 4.45 -32.33
C HIS B 38 5.12 5.02 -33.08
N VAL B 39 6.03 4.14 -33.48
CA VAL B 39 7.21 4.54 -34.21
C VAL B 39 7.00 4.27 -35.69
N PRO B 40 7.18 5.31 -36.55
CA PRO B 40 7.03 5.26 -38.01
C PRO B 40 8.04 4.34 -38.67
N SER B 41 7.70 3.87 -39.86
CA SER B 41 8.58 2.97 -40.60
C SER B 41 9.92 3.60 -40.93
N ASP B 42 9.96 4.91 -41.10
CA ASP B 42 11.19 5.59 -41.46
C ASP B 42 12.00 6.06 -40.26
N ALA B 43 11.60 5.62 -39.07
CA ALA B 43 12.28 6.02 -37.85
C ALA B 43 13.65 5.39 -37.63
N ASP B 44 14.63 6.23 -37.33
CA ASP B 44 15.98 5.77 -37.06
C ASP B 44 16.19 5.81 -35.55
N ARG B 45 15.58 6.80 -34.90
CA ARG B 45 15.67 6.97 -33.46
C ARG B 45 14.77 8.09 -32.97
N PHE B 46 14.39 8.03 -31.71
CA PHE B 46 13.58 9.06 -31.06
C PHE B 46 13.98 9.08 -29.59
N GLN B 47 13.59 10.10 -28.83
CA GLN B 47 13.99 10.14 -27.43
C GLN B 47 13.04 10.87 -26.51
N VAL B 48 13.02 10.48 -25.24
CA VAL B 48 12.22 11.15 -24.23
C VAL B 48 13.20 11.74 -23.26
N ASP B 49 13.15 13.05 -23.05
CA ASP B 49 14.08 13.74 -22.13
C ASP B 49 13.44 14.44 -20.94
N LEU B 50 13.84 14.07 -19.73
CA LEU B 50 13.35 14.74 -18.53
C LEU B 50 14.43 15.76 -18.30
N GLN B 51 14.09 17.03 -18.51
CA GLN B 51 15.03 18.13 -18.44
C GLN B 51 14.86 19.11 -17.28
N ASN B 52 15.94 19.82 -16.97
CA ASN B 52 15.91 20.84 -15.93
C ASN B 52 15.73 22.12 -16.72
N GLY B 53 14.48 22.58 -16.82
CA GLY B 53 14.21 23.78 -17.58
C GLY B 53 14.11 23.38 -19.04
N SER B 54 13.92 24.36 -19.93
CA SER B 54 13.81 24.06 -21.34
C SER B 54 14.70 25.00 -22.13
N SER B 55 15.68 25.58 -21.45
CA SER B 55 16.58 26.52 -22.11
C SER B 55 17.29 25.78 -23.22
N MET B 56 17.54 26.45 -24.34
CA MET B 56 18.21 25.76 -25.42
C MET B 56 19.64 26.23 -25.60
N LYS B 57 20.03 27.20 -24.79
CA LYS B 57 21.39 27.73 -24.83
C LYS B 57 21.71 28.51 -23.55
N PRO B 58 22.53 27.94 -22.66
CA PRO B 58 23.13 26.61 -22.84
C PRO B 58 22.01 25.58 -22.85
N ARG B 59 22.20 24.48 -23.56
CA ARG B 59 21.16 23.47 -23.61
C ARG B 59 20.82 22.97 -22.21
N ALA B 60 19.53 22.98 -21.89
CA ALA B 60 19.06 22.56 -20.59
C ALA B 60 19.65 21.21 -20.18
N ASP B 61 20.00 21.08 -18.91
CA ASP B 61 20.52 19.83 -18.40
C ASP B 61 19.46 18.76 -18.62
N VAL B 62 19.87 17.60 -19.14
CA VAL B 62 18.94 16.50 -19.37
C VAL B 62 19.20 15.42 -18.32
N ALA B 63 18.41 15.43 -17.26
CA ALA B 63 18.57 14.47 -16.18
C ALA B 63 18.41 13.01 -16.61
N PHE B 64 17.41 12.73 -17.42
CA PHE B 64 17.19 11.36 -17.87
C PHE B 64 16.78 11.36 -19.33
N HIS B 65 17.69 10.85 -20.16
CA HIS B 65 17.55 10.75 -21.60
C HIS B 65 17.32 9.28 -21.94
N PHE B 66 16.13 9.00 -22.45
CA PHE B 66 15.70 7.65 -22.80
C PHE B 66 15.71 7.74 -24.33
N ASN B 67 16.63 6.99 -24.92
CA ASN B 67 16.83 7.06 -26.37
C ASN B 67 16.77 5.75 -27.15
N PRO B 68 15.55 5.32 -27.54
CA PRO B 68 15.47 4.07 -28.30
C PRO B 68 16.10 4.29 -29.68
N ARG B 69 16.94 3.36 -30.13
CA ARG B 69 17.56 3.49 -31.44
C ARG B 69 17.21 2.27 -32.26
N PHE B 70 16.93 2.48 -33.54
CA PHE B 70 16.54 1.40 -34.43
C PHE B 70 17.67 1.02 -35.41
N LYS B 71 18.21 -0.17 -35.19
CA LYS B 71 19.31 -0.67 -36.00
C LYS B 71 19.33 -2.19 -36.00
N ARG B 72 20.19 -2.77 -36.83
CA ARG B 72 20.31 -4.22 -36.94
C ARG B 72 20.04 -4.83 -35.57
N ALA B 73 20.86 -4.47 -34.59
CA ALA B 73 20.67 -4.97 -33.23
C ALA B 73 19.42 -4.27 -32.70
N GLY B 74 19.61 -3.11 -32.07
CA GLY B 74 18.46 -2.41 -31.55
C GLY B 74 18.64 -2.23 -30.06
N CYS B 75 18.50 -0.99 -29.59
CA CYS B 75 18.68 -0.73 -28.18
C CYS B 75 18.06 0.58 -27.72
N ILE B 76 18.24 0.86 -26.44
CA ILE B 76 17.78 2.10 -25.86
C ILE B 76 19.02 2.63 -25.15
N VAL B 77 19.46 3.81 -25.56
CA VAL B 77 20.63 4.41 -24.97
C VAL B 77 20.13 5.38 -23.94
N CYS B 78 20.62 5.24 -22.72
CA CYS B 78 20.19 6.14 -21.66
C CYS B 78 21.40 6.89 -21.15
N ASN B 79 21.23 8.17 -20.86
CA ASN B 79 22.35 8.96 -20.38
C ASN B 79 21.89 10.22 -19.68
N THR B 80 22.85 11.00 -19.22
CA THR B 80 22.54 12.25 -18.55
C THR B 80 23.43 13.33 -19.13
N LEU B 81 22.83 14.47 -19.47
CA LEU B 81 23.56 15.59 -20.04
C LEU B 81 23.66 16.74 -19.03
N ILE B 82 24.89 17.00 -18.58
CA ILE B 82 25.13 18.08 -17.64
C ILE B 82 26.12 19.06 -18.25
N ASN B 83 25.77 20.34 -18.21
CA ASN B 83 26.61 21.38 -18.78
C ASN B 83 27.00 21.05 -20.20
N GLU B 84 26.01 20.59 -20.96
CA GLU B 84 26.17 20.25 -22.38
C GLU B 84 27.09 19.07 -22.65
N LYS B 85 27.36 18.29 -21.63
CA LYS B 85 28.24 17.14 -21.80
C LYS B 85 27.50 15.85 -21.46
N TRP B 86 27.65 14.84 -22.31
CA TRP B 86 27.02 13.55 -22.07
C TRP B 86 27.81 12.69 -21.09
N GLY B 87 27.10 12.02 -20.20
CA GLY B 87 27.75 11.17 -19.22
C GLY B 87 28.03 9.79 -19.77
N ARG B 88 28.10 8.82 -18.87
CA ARG B 88 28.36 7.42 -19.21
C ARG B 88 27.13 6.82 -19.88
N GLU B 89 27.31 6.28 -21.07
CA GLU B 89 26.18 5.69 -21.78
C GLU B 89 25.77 4.34 -21.18
N GLU B 90 24.47 4.11 -21.10
CA GLU B 90 23.92 2.86 -20.60
C GLU B 90 23.05 2.32 -21.73
N ILE B 91 23.48 1.22 -22.35
CA ILE B 91 22.69 0.68 -23.45
C ILE B 91 21.95 -0.62 -23.15
N THR B 92 20.65 -0.63 -23.41
CA THR B 92 19.84 -1.81 -23.17
C THR B 92 19.55 -2.40 -24.54
N TYR B 93 19.97 -3.64 -24.75
CA TYR B 93 19.77 -4.32 -26.01
C TYR B 93 18.45 -5.10 -26.02
N ASP B 94 18.18 -5.81 -27.10
CA ASP B 94 16.94 -6.58 -27.23
C ASP B 94 15.81 -5.60 -26.91
N THR B 95 15.72 -4.56 -27.76
CA THR B 95 14.73 -3.50 -27.61
C THR B 95 13.29 -3.87 -27.81
N PRO B 96 12.40 -3.30 -26.99
CA PRO B 96 10.96 -3.55 -27.06
C PRO B 96 10.29 -2.77 -28.18
N PHE B 97 10.91 -1.68 -28.60
CA PHE B 97 10.35 -0.85 -29.68
C PHE B 97 10.60 -1.44 -31.07
N LYS B 98 9.64 -1.27 -31.98
CA LYS B 98 9.78 -1.75 -33.36
C LYS B 98 9.03 -0.84 -34.31
N ARG B 99 9.65 -0.51 -35.45
CA ARG B 99 9.02 0.36 -36.45
C ARG B 99 7.63 -0.15 -36.90
N GLU B 100 6.68 0.78 -37.06
CA GLU B 100 5.33 0.44 -37.50
C GLU B 100 4.55 -0.32 -36.42
N LYS B 101 5.00 -0.19 -35.19
CA LYS B 101 4.35 -0.84 -34.06
C LYS B 101 4.04 0.15 -32.93
N SER B 102 2.90 -0.02 -32.29
CA SER B 102 2.48 0.86 -31.20
C SER B 102 3.17 0.45 -29.91
N PHE B 103 3.27 1.37 -28.97
CA PHE B 103 3.93 1.09 -27.69
C PHE B 103 3.41 1.91 -26.53
N GLU B 104 3.67 1.41 -25.34
CA GLU B 104 3.31 2.11 -24.11
C GLU B 104 4.54 2.09 -23.22
N ILE B 105 5.01 3.28 -22.85
CA ILE B 105 6.15 3.40 -21.97
C ILE B 105 5.69 3.87 -20.61
N VAL B 106 6.11 3.16 -19.56
CA VAL B 106 5.74 3.51 -18.21
C VAL B 106 6.97 3.90 -17.42
N ILE B 107 7.13 5.17 -17.11
CA ILE B 107 8.31 5.57 -16.35
C ILE B 107 7.93 5.76 -14.90
N MET B 108 8.54 4.97 -14.02
CA MET B 108 8.26 5.09 -12.59
C MET B 108 9.47 5.69 -11.91
N VAL B 109 9.24 6.79 -11.18
CA VAL B 109 10.31 7.48 -10.48
C VAL B 109 10.46 7.01 -9.06
N LEU B 110 11.63 6.49 -8.73
CA LEU B 110 11.94 6.04 -7.37
C LEU B 110 12.87 7.04 -6.70
N LYS B 111 13.11 6.87 -5.41
CA LYS B 111 13.97 7.80 -4.68
C LYS B 111 15.34 7.93 -5.34
N ASP B 112 15.94 6.79 -5.61
CA ASP B 112 17.29 6.75 -6.16
C ASP B 112 17.42 6.31 -7.60
N LYS B 113 16.31 5.99 -8.26
CA LYS B 113 16.42 5.56 -9.63
C LYS B 113 15.11 5.62 -10.43
N PHE B 114 15.21 5.63 -11.76
CA PHE B 114 14.02 5.61 -12.63
C PHE B 114 13.83 4.15 -13.01
N GLN B 115 12.58 3.69 -13.08
CA GLN B 115 12.33 2.32 -13.49
C GLN B 115 11.45 2.45 -14.73
N VAL B 116 11.81 1.76 -15.81
CA VAL B 116 11.03 1.88 -17.03
C VAL B 116 10.58 0.59 -17.68
N ALA B 117 9.29 0.49 -17.92
CA ALA B 117 8.69 -0.67 -18.55
C ALA B 117 8.07 -0.28 -19.88
N VAL B 118 8.13 -1.18 -20.85
CA VAL B 118 7.53 -0.94 -22.15
C VAL B 118 6.60 -2.10 -22.49
N ASN B 119 5.35 -1.79 -22.81
CA ASN B 119 4.37 -2.80 -23.17
C ASN B 119 4.16 -3.86 -22.09
N GLY B 120 4.21 -3.46 -20.83
CA GLY B 120 3.97 -4.41 -19.75
C GLY B 120 5.11 -5.34 -19.41
N LYS B 121 6.32 -5.02 -19.85
CA LYS B 121 7.46 -5.85 -19.52
C LYS B 121 8.58 -4.94 -19.07
N HIS B 122 9.16 -5.22 -17.91
CA HIS B 122 10.24 -4.41 -17.40
C HIS B 122 11.32 -4.31 -18.46
N THR B 123 11.81 -3.10 -18.71
CA THR B 123 12.83 -2.88 -19.74
C THR B 123 14.21 -2.49 -19.21
N LEU B 124 14.26 -1.47 -18.35
CA LEU B 124 15.55 -1.04 -17.80
C LEU B 124 15.43 -0.15 -16.58
N LEU B 125 16.51 -0.10 -15.79
CA LEU B 125 16.54 0.75 -14.61
C LEU B 125 17.60 1.81 -14.87
N TYR B 126 17.40 3.01 -14.33
CA TYR B 126 18.36 4.09 -14.55
C TYR B 126 18.58 4.91 -13.30
N GLY B 127 19.80 4.87 -12.78
CA GLY B 127 20.12 5.61 -11.59
C GLY B 127 20.12 7.11 -11.78
N HIS B 128 19.63 7.84 -10.78
CA HIS B 128 19.60 9.29 -10.86
C HIS B 128 21.01 9.82 -10.80
N ARG B 129 21.38 10.65 -11.78
CA ARG B 129 22.71 11.23 -11.81
C ARG B 129 22.54 12.69 -11.41
N ILE B 130 21.31 13.16 -11.53
CA ILE B 130 20.93 14.50 -11.14
C ILE B 130 19.76 14.22 -10.19
N GLY B 131 19.60 15.03 -9.15
CA GLY B 131 18.48 14.82 -8.25
C GLY B 131 17.18 15.02 -9.00
N PRO B 132 16.16 14.17 -8.80
CA PRO B 132 14.90 14.33 -9.51
C PRO B 132 14.17 15.67 -9.25
N GLU B 133 14.48 16.31 -8.13
CA GLU B 133 13.82 17.56 -7.81
C GLU B 133 14.07 18.59 -8.89
N LYS B 134 15.17 18.43 -9.62
CA LYS B 134 15.55 19.41 -10.65
C LYS B 134 14.80 19.28 -11.97
N ILE B 135 13.97 18.25 -12.11
CA ILE B 135 13.20 18.03 -13.33
C ILE B 135 11.83 18.71 -13.31
N ASP B 136 11.54 19.52 -14.33
CA ASP B 136 10.25 20.19 -14.43
C ASP B 136 9.72 20.27 -15.86
N THR B 137 10.44 19.69 -16.82
CA THR B 137 10.00 19.69 -18.20
C THR B 137 10.26 18.39 -18.96
N LEU B 138 9.31 18.01 -19.80
CA LEU B 138 9.38 16.79 -20.59
C LEU B 138 9.54 17.09 -22.08
N GLY B 139 10.62 16.60 -22.66
CA GLY B 139 10.84 16.83 -24.08
C GLY B 139 10.81 15.53 -24.87
N ILE B 140 10.24 15.56 -26.07
CA ILE B 140 10.22 14.37 -26.90
C ILE B 140 10.65 14.79 -28.30
N TYR B 141 11.69 14.14 -28.83
CA TYR B 141 12.20 14.50 -30.14
C TYR B 141 12.43 13.27 -31.04
N GLY B 142 12.54 13.53 -32.34
CA GLY B 142 12.79 12.46 -33.28
C GLY B 142 11.60 11.86 -34.00
N LYS B 143 11.82 10.68 -34.57
CA LYS B 143 10.77 10.04 -35.33
C LYS B 143 9.84 9.17 -34.52
N VAL B 144 8.84 9.82 -33.93
CA VAL B 144 7.86 9.13 -33.12
C VAL B 144 6.58 9.95 -33.03
N ASN B 145 5.46 9.24 -32.99
CA ASN B 145 4.14 9.86 -32.88
C ASN B 145 3.64 9.54 -31.48
N ILE B 146 3.36 10.56 -30.68
CA ILE B 146 2.90 10.35 -29.32
C ILE B 146 1.40 10.52 -29.25
N HIS B 147 0.69 9.49 -28.82
CA HIS B 147 -0.76 9.57 -28.76
C HIS B 147 -1.23 10.27 -27.49
N SER B 148 -0.62 9.94 -26.36
CA SER B 148 -0.99 10.55 -25.10
C SER B 148 0.07 10.40 -24.04
N ILE B 149 0.15 11.41 -23.18
CA ILE B 149 1.09 11.41 -22.07
C ILE B 149 0.22 11.66 -20.86
N GLY B 150 0.48 10.98 -19.77
CA GLY B 150 -0.32 11.22 -18.59
C GLY B 150 0.53 11.06 -17.35
N PHE B 151 0.06 11.61 -16.24
CA PHE B 151 0.81 11.53 -15.01
C PHE B 151 0.03 10.95 -13.86
N SER B 152 0.77 10.46 -12.87
CA SER B 152 0.19 9.87 -11.69
C SER B 152 1.10 10.32 -10.56
N PHE B 153 0.74 11.44 -9.94
CA PHE B 153 1.54 12.02 -8.86
C PHE B 153 1.12 11.50 -7.49
N SER B 154 1.58 10.30 -7.17
CA SER B 154 1.30 9.63 -5.90
C SER B 154 1.35 10.52 -4.67
N SER B 155 2.14 11.59 -4.73
CA SER B 155 2.25 12.50 -3.59
C SER B 155 1.03 13.39 -3.37
N HIS B 156 0.05 13.27 -4.26
CA HIS B 156 -1.21 14.02 -4.18
C HIS B 156 -2.18 13.15 -4.98
N MET B 157 -3.48 13.25 -4.72
CA MET B 157 -4.45 12.47 -5.48
C MET B 157 -5.79 13.15 -5.41
N ARG B 158 -5.86 14.33 -6.01
CA ARG B 158 -7.04 15.18 -6.01
C ARG B 158 -8.34 14.48 -6.39
N LEU B 159 -9.45 15.04 -5.89
CA LEU B 159 -10.79 14.55 -6.13
C LEU B 159 -11.63 15.66 -6.79
N PRO B 160 -12.67 15.29 -7.55
CA PRO B 160 -13.13 13.93 -7.84
C PRO B 160 -12.03 13.10 -8.45
N PHE B 161 -12.05 11.81 -8.16
CA PHE B 161 -11.05 10.91 -8.66
C PHE B 161 -11.71 9.85 -9.52
N ALA B 162 -11.28 9.76 -10.77
CA ALA B 162 -11.83 8.75 -11.67
C ALA B 162 -10.72 7.90 -12.29
N ALA B 163 -10.95 6.59 -12.36
CA ALA B 163 -9.97 5.69 -12.93
C ALA B 163 -10.59 4.45 -13.55
N ARG B 164 -10.04 4.05 -14.69
CA ARG B 164 -10.46 2.88 -15.43
C ARG B 164 -9.84 1.64 -14.83
N LEU B 165 -10.53 0.50 -14.91
CA LEU B 165 -9.99 -0.73 -14.35
C LEU B 165 -9.50 -1.49 -15.56
N ASN B 166 -8.21 -1.35 -15.84
CA ASN B 166 -7.59 -2.03 -16.99
C ASN B 166 -7.69 -3.54 -16.88
N THR B 167 -8.23 -4.00 -15.76
CA THR B 167 -8.44 -5.42 -15.50
C THR B 167 -9.94 -5.57 -15.32
N PRO B 168 -10.55 -6.60 -15.92
CA PRO B 168 -12.00 -6.80 -15.79
C PRO B 168 -12.45 -7.09 -14.35
N MET B 169 -13.67 -6.68 -14.02
CA MET B 169 -14.20 -6.92 -12.68
C MET B 169 -14.71 -8.36 -12.64
N GLY B 170 -14.43 -9.05 -11.54
CA GLY B 170 -14.83 -10.44 -11.43
C GLY B 170 -14.51 -11.06 -10.08
N PRO B 171 -15.08 -12.23 -9.78
CA PRO B 171 -14.81 -12.88 -8.49
C PRO B 171 -13.31 -12.99 -8.18
N GLY B 172 -12.93 -12.67 -6.94
CA GLY B 172 -11.54 -12.74 -6.54
C GLY B 172 -10.80 -11.44 -6.74
N ARG B 173 -11.44 -10.56 -7.48
CA ARG B 173 -10.89 -9.23 -7.78
C ARG B 173 -11.04 -8.37 -6.54
N THR B 174 -9.98 -7.65 -6.21
CA THR B 174 -10.01 -6.77 -5.04
C THR B 174 -9.73 -5.32 -5.41
N VAL B 175 -10.32 -4.40 -4.67
CA VAL B 175 -10.07 -2.98 -4.90
C VAL B 175 -9.71 -2.41 -3.54
N VAL B 176 -8.57 -1.75 -3.46
CA VAL B 176 -8.15 -1.18 -2.19
C VAL B 176 -8.06 0.33 -2.23
N VAL B 177 -8.56 0.98 -1.17
CA VAL B 177 -8.51 2.42 -1.10
C VAL B 177 -7.99 2.78 0.28
N LYS B 178 -7.05 3.72 0.31
CA LYS B 178 -6.48 4.17 1.56
C LYS B 178 -6.62 5.69 1.62
N GLY B 179 -6.85 6.20 2.82
CA GLY B 179 -6.97 7.62 2.94
C GLY B 179 -7.25 8.05 4.36
N GLU B 180 -7.55 9.33 4.52
CA GLU B 180 -7.83 9.88 5.84
C GLU B 180 -9.12 10.65 5.68
N VAL B 181 -10.07 10.39 6.56
CA VAL B 181 -11.35 11.09 6.52
C VAL B 181 -10.99 12.49 6.96
N ASN B 182 -11.53 13.50 6.29
CA ASN B 182 -11.21 14.87 6.69
C ASN B 182 -11.54 15.18 8.13
N ALA B 183 -10.75 16.05 8.74
CA ALA B 183 -10.96 16.45 10.13
C ALA B 183 -12.39 16.91 10.39
N ASN B 184 -13.00 17.51 9.38
CA ASN B 184 -14.36 18.03 9.48
C ASN B 184 -15.28 17.45 8.41
N ALA B 185 -15.04 16.20 8.05
CA ALA B 185 -15.84 15.51 7.04
C ALA B 185 -17.31 15.32 7.34
N LYS B 186 -18.13 15.39 6.30
CA LYS B 186 -19.55 15.14 6.42
C LYS B 186 -19.75 13.73 5.83
N SER B 187 -19.20 13.52 4.63
CA SER B 187 -19.31 12.24 3.96
C SER B 187 -18.37 12.14 2.76
N PHE B 188 -18.23 10.92 2.24
CA PHE B 188 -17.42 10.65 1.06
C PHE B 188 -17.98 9.40 0.36
N ASN B 189 -17.52 9.16 -0.86
CA ASN B 189 -18.02 8.03 -1.62
C ASN B 189 -17.01 7.31 -2.50
N VAL B 190 -17.27 6.02 -2.71
CA VAL B 190 -16.49 5.17 -3.61
C VAL B 190 -17.51 4.41 -4.42
N ASP B 191 -17.52 4.61 -5.73
CA ASP B 191 -18.48 3.91 -6.58
C ASP B 191 -17.80 3.03 -7.62
N LEU B 192 -18.42 1.90 -7.92
CA LEU B 192 -17.91 1.03 -8.98
C LEU B 192 -19.00 1.14 -10.05
N LEU B 193 -18.69 1.80 -11.16
CA LEU B 193 -19.65 1.97 -12.23
C LEU B 193 -19.35 1.28 -13.56
N ALA B 194 -20.40 1.11 -14.36
CA ALA B 194 -20.30 0.53 -15.70
C ALA B 194 -20.26 1.72 -16.65
N GLY B 195 -19.07 2.32 -16.77
CA GLY B 195 -18.83 3.50 -17.60
C GLY B 195 -19.77 3.86 -18.73
N LYS B 196 -19.83 3.00 -19.74
CA LYS B 196 -20.67 3.20 -20.92
C LYS B 196 -22.14 3.44 -20.60
N SER B 197 -22.75 2.53 -19.84
CA SER B 197 -24.17 2.61 -19.49
C SER B 197 -24.51 3.60 -18.40
N LYS B 198 -23.50 4.23 -17.80
CA LYS B 198 -23.77 5.19 -16.74
C LYS B 198 -24.42 4.48 -15.55
N ASP B 199 -23.95 3.30 -15.20
CA ASP B 199 -24.58 2.60 -14.07
C ASP B 199 -23.60 2.48 -12.90
N ILE B 200 -24.15 2.41 -11.69
CA ILE B 200 -23.33 2.26 -10.51
C ILE B 200 -23.63 0.91 -9.85
N ALA B 201 -22.80 -0.08 -10.12
CA ALA B 201 -23.00 -1.41 -9.57
C ALA B 201 -22.94 -1.33 -8.06
N LEU B 202 -21.98 -0.54 -7.56
CA LEU B 202 -21.82 -0.38 -6.13
C LEU B 202 -21.45 1.04 -5.71
N HIS B 203 -22.30 1.60 -4.86
CA HIS B 203 -22.13 2.93 -4.33
C HIS B 203 -21.91 2.78 -2.83
N LEU B 204 -20.68 3.02 -2.39
CA LEU B 204 -20.33 2.96 -0.98
C LEU B 204 -20.27 4.41 -0.54
N ASN B 205 -21.17 4.79 0.37
CA ASN B 205 -21.24 6.16 0.82
C ASN B 205 -21.22 6.32 2.33
N PRO B 206 -20.02 6.39 2.93
CA PRO B 206 -20.05 6.57 4.39
C PRO B 206 -20.43 8.03 4.70
N ARG B 207 -21.43 8.26 5.55
CA ARG B 207 -21.78 9.63 5.89
C ARG B 207 -21.56 9.75 7.39
N LEU B 208 -20.58 10.56 7.77
CA LEU B 208 -20.20 10.71 9.17
C LEU B 208 -21.04 11.66 10.01
N ASN B 209 -21.65 12.64 9.37
CA ASN B 209 -22.47 13.61 10.08
C ASN B 209 -23.70 12.90 10.66
N ILE B 210 -24.21 11.91 9.94
CA ILE B 210 -25.37 11.16 10.39
C ILE B 210 -24.97 9.77 10.87
N LYS B 211 -23.67 9.48 10.86
CA LYS B 211 -23.13 8.19 11.31
C LYS B 211 -23.77 6.96 10.68
N ALA B 212 -23.73 6.86 9.37
CA ALA B 212 -24.32 5.70 8.73
C ALA B 212 -23.50 5.40 7.50
N PHE B 213 -23.61 4.18 7.03
CA PHE B 213 -22.86 3.77 5.88
C PHE B 213 -23.89 3.35 4.88
N VAL B 214 -24.19 4.26 3.97
CA VAL B 214 -25.18 3.97 2.97
C VAL B 214 -24.49 3.32 1.81
N ARG B 215 -25.04 2.23 1.33
CA ARG B 215 -24.54 1.63 0.12
C ARG B 215 -25.79 1.31 -0.71
N ASN B 216 -25.70 1.53 -2.01
CA ASN B 216 -26.84 1.30 -2.86
C ASN B 216 -26.34 1.05 -4.27
N SER B 217 -27.28 0.85 -5.17
CA SER B 217 -26.94 0.61 -6.57
C SER B 217 -27.78 1.55 -7.41
N PHE B 218 -27.18 2.14 -8.44
CA PHE B 218 -27.91 3.06 -9.29
C PHE B 218 -27.95 2.43 -10.67
N LEU B 219 -29.10 1.89 -11.02
CA LEU B 219 -29.28 1.22 -12.29
C LEU B 219 -30.55 1.72 -12.98
N GLN B 220 -30.70 1.38 -14.26
CA GLN B 220 -31.88 1.79 -15.00
C GLN B 220 -32.25 3.21 -14.67
N GLU B 221 -31.23 4.06 -14.60
CA GLU B 221 -31.41 5.48 -14.32
C GLU B 221 -32.13 5.80 -12.99
N SER B 222 -32.01 4.91 -12.01
CA SER B 222 -32.65 5.14 -10.72
C SER B 222 -32.03 4.36 -9.56
N TRP B 223 -31.99 4.99 -8.38
CA TRP B 223 -31.43 4.38 -7.17
C TRP B 223 -32.42 3.39 -6.54
N GLY B 224 -31.92 2.24 -6.13
CA GLY B 224 -32.77 1.23 -5.51
C GLY B 224 -32.86 1.38 -4.00
N GLU B 225 -33.14 0.28 -3.32
CA GLU B 225 -33.27 0.30 -1.86
C GLU B 225 -31.89 0.39 -1.23
N GLU B 226 -31.71 1.38 -0.36
CA GLU B 226 -30.44 1.57 0.34
C GLU B 226 -30.21 0.52 1.41
N GLU B 227 -28.95 0.17 1.60
CA GLU B 227 -28.58 -0.80 2.62
C GLU B 227 -27.75 -0.07 3.66
N ARG B 228 -28.22 -0.06 4.90
CA ARG B 228 -27.50 0.63 5.96
C ARG B 228 -27.13 -0.26 7.14
N ASN B 229 -27.60 -1.50 7.13
CA ASN B 229 -27.30 -2.39 8.25
C ASN B 229 -25.82 -2.42 8.54
N ILE B 230 -25.45 -2.31 9.80
CA ILE B 230 -24.05 -2.32 10.13
C ILE B 230 -23.81 -2.52 11.62
N THR B 231 -23.05 -3.55 11.93
CA THR B 231 -22.76 -3.87 13.30
C THR B 231 -22.19 -2.63 14.01
N SER B 232 -21.46 -1.80 13.28
CA SER B 232 -20.87 -0.60 13.88
C SER B 232 -20.17 0.29 12.87
N PHE B 233 -20.55 1.57 12.83
CA PHE B 233 -19.95 2.54 11.93
C PHE B 233 -18.42 2.54 11.99
N PRO B 234 -17.74 2.16 10.89
CA PRO B 234 -16.28 2.11 10.88
C PRO B 234 -15.52 3.43 10.73
N PHE B 235 -16.15 4.42 10.12
CA PHE B 235 -15.54 5.73 9.93
C PHE B 235 -15.70 6.80 11.00
N SER B 236 -14.64 7.55 11.25
CA SER B 236 -14.69 8.68 12.18
C SER B 236 -13.91 9.82 11.54
N PRO B 237 -14.36 11.07 11.69
CA PRO B 237 -13.64 12.21 11.09
C PRO B 237 -12.14 12.27 11.40
N GLY B 238 -11.33 12.41 10.36
CA GLY B 238 -9.90 12.52 10.59
C GLY B 238 -9.11 11.26 10.85
N MET B 239 -9.75 10.11 10.71
CA MET B 239 -9.07 8.86 11.01
C MET B 239 -8.59 8.17 9.75
N TYR B 240 -7.37 7.64 9.82
CA TYR B 240 -6.79 6.96 8.68
C TYR B 240 -7.52 5.63 8.52
N PHE B 241 -7.64 5.17 7.29
CA PHE B 241 -8.33 3.95 7.03
C PHE B 241 -7.88 3.32 5.72
N GLU B 242 -8.20 2.05 5.55
CA GLU B 242 -7.91 1.37 4.31
C GLU B 242 -9.19 0.60 4.12
N MET B 243 -9.68 0.56 2.90
CA MET B 243 -10.92 -0.12 2.63
C MET B 243 -10.66 -1.14 1.55
N ILE B 244 -11.16 -2.34 1.78
CA ILE B 244 -10.97 -3.42 0.84
C ILE B 244 -12.32 -3.78 0.28
N ILE B 245 -12.48 -3.58 -1.02
CA ILE B 245 -13.73 -3.94 -1.66
C ILE B 245 -13.38 -5.21 -2.41
N TYR B 246 -13.92 -6.32 -1.92
CA TYR B 246 -13.68 -7.62 -2.50
C TYR B 246 -14.91 -8.10 -3.23
N CYS B 247 -14.70 -8.39 -4.51
CA CYS B 247 -15.77 -8.89 -5.35
C CYS B 247 -15.79 -10.40 -5.14
N ASP B 248 -16.97 -10.93 -4.86
CA ASP B 248 -17.09 -12.36 -4.67
C ASP B 248 -18.05 -12.80 -5.75
N VAL B 249 -18.36 -14.09 -5.79
CA VAL B 249 -19.25 -14.56 -6.82
C VAL B 249 -20.69 -14.06 -6.69
N ARG B 250 -21.23 -14.10 -5.47
CA ARG B 250 -22.61 -13.70 -5.25
C ARG B 250 -22.80 -12.25 -4.79
N GLU B 251 -21.75 -11.71 -4.18
CA GLU B 251 -21.83 -10.35 -3.66
C GLU B 251 -20.47 -9.76 -3.38
N PHE B 252 -20.48 -8.52 -2.90
CA PHE B 252 -19.27 -7.78 -2.58
C PHE B 252 -19.02 -7.86 -1.07
N LYS B 253 -17.76 -8.05 -0.68
CA LYS B 253 -17.43 -8.08 0.74
C LYS B 253 -16.50 -6.91 0.98
N VAL B 254 -16.85 -5.99 1.86
CA VAL B 254 -15.96 -4.86 2.12
C VAL B 254 -15.56 -4.74 3.57
N ALA B 255 -14.26 -4.57 3.79
CA ALA B 255 -13.70 -4.45 5.13
C ALA B 255 -12.98 -3.12 5.28
N VAL B 256 -12.87 -2.66 6.51
CA VAL B 256 -12.17 -1.42 6.78
C VAL B 256 -11.18 -1.62 7.94
N ASN B 257 -9.92 -1.26 7.71
CA ASN B 257 -8.90 -1.41 8.73
C ASN B 257 -8.84 -2.82 9.30
N GLY B 258 -8.82 -3.81 8.41
CA GLY B 258 -8.71 -5.20 8.84
C GLY B 258 -9.94 -5.84 9.46
N VAL B 259 -11.07 -5.14 9.40
CA VAL B 259 -12.29 -5.68 9.97
C VAL B 259 -13.43 -5.68 8.97
N HIS B 260 -14.03 -6.86 8.77
CA HIS B 260 -15.15 -6.96 7.84
C HIS B 260 -16.20 -5.96 8.29
N SER B 261 -16.79 -5.27 7.33
CA SER B 261 -17.80 -4.28 7.66
C SER B 261 -19.18 -4.74 7.22
N LEU B 262 -19.30 -5.09 5.95
CA LEU B 262 -20.58 -5.53 5.42
C LEU B 262 -20.42 -6.40 4.18
N GLU B 263 -21.55 -6.96 3.75
CA GLU B 263 -21.60 -7.80 2.57
C GLU B 263 -22.63 -7.09 1.68
N TYR B 264 -22.45 -7.13 0.37
CA TYR B 264 -23.40 -6.45 -0.53
C TYR B 264 -23.78 -7.33 -1.69
N LYS B 265 -25.02 -7.82 -1.66
CA LYS B 265 -25.53 -8.70 -2.71
C LYS B 265 -25.49 -7.98 -4.04
N HIS B 266 -24.91 -8.63 -5.04
CA HIS B 266 -24.79 -8.06 -6.39
C HIS B 266 -26.14 -7.71 -7.03
N ARG B 267 -26.21 -6.50 -7.57
CA ARG B 267 -27.42 -6.06 -8.25
C ARG B 267 -27.15 -5.93 -9.75
N PHE B 268 -25.90 -5.62 -10.07
CA PHE B 268 -25.44 -5.47 -11.44
C PHE B 268 -24.74 -6.80 -11.72
N LYS B 269 -25.36 -7.66 -12.52
CA LYS B 269 -24.77 -8.97 -12.75
C LYS B 269 -23.65 -9.10 -13.79
N GLU B 270 -23.54 -8.14 -14.70
CA GLU B 270 -22.47 -8.24 -15.68
C GLU B 270 -21.23 -7.76 -14.95
N LEU B 271 -20.71 -8.59 -14.05
CA LEU B 271 -19.55 -8.18 -13.26
C LEU B 271 -18.45 -7.59 -14.12
N SER B 272 -18.11 -8.28 -15.21
CA SER B 272 -17.06 -7.81 -16.11
C SER B 272 -17.34 -6.41 -16.70
N SER B 273 -18.60 -5.99 -16.67
CA SER B 273 -18.98 -4.68 -17.21
C SER B 273 -18.60 -3.55 -16.26
N ILE B 274 -18.20 -3.90 -15.05
CA ILE B 274 -17.80 -2.93 -14.05
C ILE B 274 -16.34 -2.50 -14.31
N ASP B 275 -16.15 -1.44 -15.09
CA ASP B 275 -14.80 -0.98 -15.42
C ASP B 275 -14.41 0.43 -14.96
N THR B 276 -15.11 0.96 -13.95
CA THR B 276 -14.76 2.29 -13.51
C THR B 276 -14.87 2.51 -12.01
N LEU B 277 -13.86 3.19 -11.47
CA LEU B 277 -13.82 3.49 -10.05
C LEU B 277 -13.79 4.98 -9.83
N GLU B 278 -14.69 5.47 -8.99
CA GLU B 278 -14.76 6.88 -8.68
C GLU B 278 -14.73 7.11 -7.16
N ILE B 279 -13.94 8.09 -6.76
CA ILE B 279 -13.77 8.43 -5.37
C ILE B 279 -14.00 9.93 -5.22
N ASN B 280 -14.86 10.32 -4.29
CA ASN B 280 -15.09 11.75 -4.06
C ASN B 280 -15.61 12.00 -2.67
N GLY B 281 -15.61 13.26 -2.26
CA GLY B 281 -16.09 13.59 -0.93
C GLY B 281 -15.05 14.09 0.04
N ASP B 282 -15.44 14.16 1.31
CA ASP B 282 -14.61 14.70 2.37
C ASP B 282 -13.49 13.84 2.94
N ILE B 283 -12.60 13.37 2.06
CA ILE B 283 -11.46 12.58 2.50
C ILE B 283 -10.24 12.91 1.67
N HIS B 284 -9.08 12.56 2.20
CA HIS B 284 -7.82 12.80 1.54
C HIS B 284 -7.43 11.40 1.02
N LEU B 285 -7.40 11.27 -0.30
CA LEU B 285 -7.12 10.00 -0.94
C LEU B 285 -5.62 9.75 -0.95
N LEU B 286 -5.21 8.64 -0.36
CA LEU B 286 -3.80 8.27 -0.28
C LEU B 286 -3.31 7.18 -1.23
N GLU B 287 -4.18 6.25 -1.59
CA GLU B 287 -3.78 5.15 -2.47
C GLU B 287 -4.94 4.36 -3.04
N VAL B 288 -4.76 3.85 -4.25
CA VAL B 288 -5.79 3.05 -4.89
C VAL B 288 -5.11 1.87 -5.55
N ARG B 289 -5.59 0.67 -5.28
CA ARG B 289 -5.00 -0.54 -5.85
C ARG B 289 -6.02 -1.44 -6.50
N SER B 290 -5.88 -1.66 -7.81
CA SER B 290 -6.78 -2.56 -8.51
C SER B 290 -6.20 -3.97 -8.43
N TRP B 291 -6.92 -4.84 -7.73
CA TRP B 291 -6.55 -6.23 -7.53
C TRP B 291 -5.33 -6.37 -6.62
C2 BGC C . -9.88 16.89 35.91
C3 BGC C . -9.21 15.56 36.24
C4 BGC C . -7.73 15.78 36.57
C5 BGC C . -7.56 16.86 37.64
C6 BGC C . -6.11 17.23 37.86
C1 BGC C . -9.63 17.91 37.02
O1 BGC C . -10.14 19.14 36.65
O2 BGC C . -11.28 16.67 35.78
O3 BGC C . -9.32 14.69 35.13
O4 BGC C . -7.16 14.54 37.03
O5 BGC C . -8.22 18.08 37.23
O6 BGC C . -5.68 18.21 36.92
C1 GAL C . -5.91 14.23 36.52
C2 GAL C . -5.47 12.87 37.02
C3 GAL C . -4.11 12.56 36.43
C4 GAL C . -4.19 12.57 34.91
C5 GAL C . -4.72 13.93 34.45
C6 GAL C . -4.96 13.99 32.96
O2 GAL C . -5.39 12.88 38.43
O3 GAL C . -3.67 11.26 36.89
O4 GAL C . -5.05 11.54 34.47
O5 GAL C . -6.00 14.21 35.08
O6 GAL C . -5.61 15.18 32.58
C1 SIA C . -1.36 11.84 37.09
C2 SIA C . -2.61 11.28 37.78
C3 SIA C . -2.31 9.84 38.28
C4 SIA C . -1.31 9.87 39.45
C5 SIA C . -1.82 10.83 40.51
C6 SIA C . -1.92 12.20 39.88
C7 SIA C . -2.22 13.27 40.93
C8 SIA C . -1.80 14.66 40.44
C9 SIA C . -0.33 14.72 40.00
C10 SIA C . -1.35 10.15 42.75
C11 SIA C . -2.68 10.44 43.41
N5 SIA C . -0.99 10.86 41.69
O1A SIA C . -0.60 11.06 36.49
O1B SIA C . -1.16 13.08 37.14
O4 SIA C . -1.16 8.56 39.99
O6 SIA C . -2.94 12.15 38.87
O7 SIA C . -3.61 13.25 41.21
O8 SIA C . -2.62 15.07 39.35
O9 SIA C . -0.11 15.90 39.25
O10 SIA C . -0.63 9.26 43.21
C2 BGC D . 17.90 -27.04 -7.91
C3 BGC D . 17.90 -25.97 -6.83
C4 BGC D . 18.13 -26.61 -5.45
C5 BGC D . 19.43 -27.43 -5.50
C6 BGC D . 19.74 -28.14 -4.20
C1 BGC D . 19.22 -27.85 -7.84
O1 BGC D . 19.19 -28.87 -8.76
O2 BGC D . 17.77 -26.43 -9.20
O3 BGC D . 16.65 -25.29 -6.84
O4 BGC D . 18.21 -25.59 -4.45
O5 BGC D . 19.36 -28.42 -6.54
O6 BGC D . 18.55 -28.63 -3.58
C1 GAL D . 17.18 -25.55 -3.51
C2 GAL D . 17.44 -24.39 -2.53
C3 GAL D . 16.24 -24.24 -1.59
C4 GAL D . 14.98 -24.02 -2.43
C5 GAL D . 14.80 -25.23 -3.34
C6 GAL D . 13.58 -25.08 -4.22
O2 GAL D . 18.60 -24.65 -1.78
O3 GAL D . 16.45 -23.13 -0.74
O4 GAL D . 15.13 -22.86 -3.24
O5 GAL D . 15.93 -25.35 -4.21
O6 GAL D . 13.35 -26.28 -4.92
C2 BGC E . 27.54 6.67 -28.98
C3 BGC E . 26.37 7.62 -29.23
C4 BGC E . 26.79 9.08 -29.03
C5 BGC E . 28.10 9.40 -29.78
C6 BGC E . 28.67 10.74 -29.39
C1 BGC E . 28.72 7.10 -29.84
O1 BGC E . 29.80 6.27 -29.62
O2 BGC E . 27.16 5.33 -29.29
O3 BGC E . 25.30 7.30 -28.36
O4 BGC E . 25.73 9.92 -29.55
O5 BGC E . 29.11 8.42 -29.47
O6 BGC E . 27.91 11.80 -29.95
C1 GAL E . 25.13 10.82 -28.69
C2 GAL E . 23.89 11.40 -29.39
C3 GAL E . 23.05 12.26 -28.44
C4 GAL E . 22.76 11.49 -27.14
C5 GAL E . 24.06 10.97 -26.54
C6 GAL E . 23.82 10.17 -25.28
O2 GAL E . 24.33 12.18 -30.50
O3 GAL E . 21.79 12.59 -29.07
O4 GAL E . 21.89 10.40 -27.41
O5 GAL E . 24.74 10.12 -27.49
O6 GAL E . 24.04 8.77 -25.51
C1 SIA E . 21.48 14.83 -28.26
C2 SIA E . 21.57 13.91 -29.46
C3 SIA E . 20.29 14.01 -30.29
C4 SIA E . 20.13 15.40 -30.89
C5 SIA E . 21.39 15.71 -31.69
C6 SIA E . 22.57 15.67 -30.73
C7 SIA E . 23.87 16.08 -31.40
C8 SIA E . 25.00 15.99 -30.37
C9 SIA E . 26.28 16.58 -30.93
C10 SIA E . 21.43 17.03 -33.69
C11 SIA E . 20.16 17.14 -34.53
N5 SIA E . 21.29 16.99 -32.36
O1A SIA E . 20.36 15.32 -27.97
O1B SIA E . 22.53 15.10 -27.62
O4 SIA E . 18.98 15.45 -31.72
O6 SIA E . 22.70 14.33 -30.23
O7 SIA E . 24.12 15.20 -32.48
O8 SIA E . 24.64 16.68 -29.19
O9 SIA E . 26.91 17.36 -29.92
O10 SIA E . 22.50 16.96 -34.24
C2 BGC F . -32.44 9.13 1.93
C3 BGC F . -31.04 9.39 1.39
C4 BGC F . -31.01 9.57 -0.13
C5 BGC F . -32.10 10.53 -0.59
C6 BGC F . -32.19 10.73 -2.08
C1 BGC F . -33.50 10.05 1.28
O1 BGC F . -34.77 9.57 1.60
O2 BGC F . -32.45 9.33 3.34
O3 BGC F . -30.17 8.33 1.75
O4 BGC F . -29.72 10.10 -0.47
O5 BGC F . -33.38 10.05 -0.14
O6 BGC F . -32.24 9.48 -2.76
C1 GAL F . -29.23 9.84 -1.72
C2 GAL F . -28.23 10.94 -2.10
C3 GAL F . -27.55 10.61 -3.42
C4 GAL F . -26.88 9.24 -3.28
C5 GAL F . -27.97 8.23 -2.95
C6 GAL F . -27.54 6.78 -2.88
O2 GAL F . -28.92 12.17 -2.22
O3 GAL F . -26.60 11.62 -3.74
O4 GAL F . -25.95 9.29 -2.20
O5 GAL F . -28.58 8.56 -1.69
O6 GAL F . -28.67 5.94 -2.71
C1 EDO G . -9.60 -9.54 24.22
O1 EDO G . -10.95 -9.95 24.02
C2 EDO G . -8.81 -10.69 24.82
O2 EDO G . -7.45 -10.28 25.03
C1 EDO H . -1.54 -3.21 -0.15
O1 EDO H . -2.68 -3.74 0.51
C2 EDO H . -1.98 -2.10 -1.09
O2 EDO H . -3.08 -2.54 -1.87
C1 EDO I . 1.84 -6.37 12.19
O1 EDO I . 1.49 -7.07 13.37
C2 EDO I . 0.57 -5.94 11.44
O2 EDO I . 0.91 -5.15 10.30
C1 EDO J . -18.04 0.03 22.02
O1 EDO J . -17.88 1.12 22.91
C2 EDO J . -19.23 0.27 21.07
O2 EDO J . -18.88 1.22 20.08
C1 EDO K . -0.60 -14.13 29.60
O1 EDO K . -0.41 -15.08 30.64
C2 EDO K . -0.25 -14.78 28.25
O2 EDO K . -0.61 -13.90 27.19
C1 EDO L . 14.97 8.39 30.80
O1 EDO L . 14.75 9.41 31.77
C2 EDO L . 15.89 8.89 29.70
O2 EDO L . 17.19 9.14 30.23
C1 EDO M . -5.55 -22.53 -15.94
O1 EDO M . -6.04 -21.41 -15.21
C2 EDO M . -5.13 -23.64 -14.97
O2 EDO M . -4.55 -24.71 -15.70
C1 EDO N . 21.81 -8.00 -1.99
O1 EDO N . 22.07 -6.92 -2.87
C2 EDO N . 23.04 -8.30 -1.16
O2 EDO N . 22.66 -8.98 0.02
C1 EDO O . 10.59 -26.74 -14.17
O1 EDO O . 9.83 -26.00 -15.12
C2 EDO O . 12.02 -26.91 -14.66
O2 EDO O . 12.77 -27.68 -13.73
C1 EDO P . -7.81 -10.48 38.58
O1 EDO P . -8.31 -11.22 37.47
C2 EDO P . -8.29 -9.04 38.49
O2 EDO P . -9.71 -9.01 38.38
C1 EDO Q . -2.66 -6.03 8.30
O1 EDO Q . -1.79 -5.19 9.05
C2 EDO Q . -2.04 -6.31 6.93
O2 EDO Q . -2.90 -7.16 6.17
C1 EDO R . 19.74 -2.51 -15.12
O1 EDO R . 19.73 -3.24 -13.90
C2 EDO R . 18.36 -2.56 -15.74
O2 EDO R . 18.41 -1.99 -17.03
C1 EDO S . 13.61 17.96 -33.53
O1 EDO S . 14.43 18.78 -32.70
C2 EDO S . 13.39 16.61 -32.86
O2 EDO S . 12.41 15.86 -33.59
C1 EDO T . 3.82 -0.47 -9.20
O1 EDO T . 2.89 0.55 -9.53
C2 EDO T . 3.55 -1.72 -10.05
O2 EDO T . 2.25 -2.22 -9.78
C1 EDO U . -2.56 -4.38 -4.35
O1 EDO U . -3.94 -4.60 -4.11
C2 EDO U . -2.13 -5.18 -5.58
O2 EDO U . -0.76 -4.93 -5.86
C1 EDO V . 2.10 19.41 -19.68
O1 EDO V . 1.19 20.28 -20.35
C2 EDO V . 3.10 18.83 -20.68
O2 EDO V . 3.92 17.87 -20.04
C1 EDO W . -25.46 -6.31 6.15
O1 EDO W . -25.66 -7.16 7.26
C2 EDO W . -23.98 -6.23 5.83
O2 EDO W . -23.52 -7.47 5.31
C1 EDO X . -2.21 4.11 -28.29
O1 EDO X . -0.98 3.41 -28.11
C2 EDO X . -3.04 3.42 -29.37
O2 EDO X . -4.31 4.05 -29.47
C1 EDO Y . -27.34 10.87 -10.46
O1 EDO Y . -26.22 11.58 -10.95
C2 EDO Y . -26.92 9.46 -10.05
O2 EDO Y . -25.92 9.54 -9.05
C1 EDO Z . -23.22 11.89 -16.14
O1 EDO Z . -24.39 11.84 -15.35
C2 EDO Z . -22.03 12.32 -15.29
O2 EDO Z . -21.88 11.41 -14.21
C1 EDO AA . 16.14 4.01 -41.67
O1 EDO AA . 16.89 5.11 -41.17
C2 EDO AA . 15.34 4.45 -42.89
O2 EDO AA . 14.60 3.35 -43.40
C1 EDO BA . 15.27 30.96 -19.59
O1 EDO BA . 14.22 30.37 -18.83
C2 EDO BA . 15.40 30.24 -20.94
O2 EDO BA . 16.51 30.77 -21.64
C1 EDO CA . -20.66 -16.39 -1.61
O1 EDO CA . -20.57 -15.55 -2.75
C2 EDO CA . -19.63 -15.96 -0.55
O2 EDO CA . -19.98 -14.68 -0.02
C1 EDO DA . 0.19 -4.99 -24.62
O1 EDO DA . 0.71 -5.16 -23.32
C2 EDO DA . 1.31 -4.57 -25.57
O2 EDO DA . 0.76 -3.99 -26.74
#